data_8RCG
#
_entry.id   8RCG
#
_cell.length_a   64.341
_cell.length_b   127.226
_cell.length_c   148.266
_cell.angle_alpha   90.000
_cell.angle_beta   90.000
_cell.angle_gamma   90.000
#
_symmetry.space_group_name_H-M   'P 21 21 21'
#
loop_
_entity.id
_entity.type
_entity.pdbx_description
1 polymer 'Formate dehydrogenase, alpha subunit, selenocysteine-containing'
2 polymer 'Formate dehydrogenase, beta subunit, putative'
3 non-polymer '2-AMINO-5,6-DIMERCAPTO-7-METHYL-3,7,8A,9-TETRAHYDRO-8-OXA-1,3,9,10-TETRAAZA-ANTHRACEN-4-ONE GUANOSINE DINUCLEOTIDE'
4 non-polymer 'IRON/SULFUR CLUSTER'
5 non-polymer 'HYDROSULFURIC ACID'
6 non-polymer 'TUNGSTEN ION'
7 non-polymer GLYCEROL
8 non-polymer DI(HYDROXYETHYL)ETHER
9 non-polymer 1,2-ETHANEDIOL
10 water water
#
loop_
_entity_poly.entity_id
_entity_poly.type
_entity_poly.pdbx_seq_one_letter_code
_entity_poly.pdbx_strand_id
1 'polypeptide(L)'
;MTVTRRHFLKLSAGAAVAGAFTGLGLSLAPTVARAELQKLQWAKQTTSICCYCAVGCGLIVHTAKDGQGRAVNVEGDPDH
PINEGSLCPKGASIFQLGENDQRGTQPLYRAPFSDTWKPVTWDFALTEIAKRIKKTRDASFTEKNAAGDLVNRTEAIASF
GSAAMDNEECWAYGNILRSLGLVYIEHQARIUHSPTVPALAESFGRGAMTNHWNDLANSDCILIMGSNAAENHPIAFKWV
LRAKDKGATLIHVDPRFTRTSARCDVYAPIRSGADIPFLGGLIKYILDNKLYFTDYVREYTNASLIVGEKFSFKDGLFSG
YDAANKKYDKSMWAFELDANGVPKRDPALKHPRCVINLLKKHYERYNLDKVAAITGTSKEQLQQVYKAYAATGKPDKAGT
IMYASGWTQHSVGVQNIRAMAMIQLLLGNIGVAGGGVNALRGESNVQGSTDQGLLAHIWPGYNPVPNSKAATLELYNAAT
PQSKDPMSVNWWQNRPKYVASYLKALYPDEEPAAAYDYLPRIDAGRKLTDYFWLNIFEKMDKGEFKGLFAWGMNPACGGA
NANKNRKAMGKLEWLVNVNLFENETSSFWKGPGMNPAEIGTEVFFLPCCVSIEKEGSVANSGRWMQWRYRGPKPYAETKP
DGDIMLDMFKKVRELYAKEGGAYPAPIAKLNIADWEEHNEFSPTKVAKLMNGYFLKDTEVGGKQFKKGQQVPSFAFLTAD
GSTCSGNWLHAGSFTDAGNLMARRDKTQTPEQARIGLFPNWSFCWPVNRRILYNRASVDKTGKPWNPAKAVIEWKDGKWV
GDVVDGGGDPGTKHPFIMQTHGFGALYGPGREEGPFPEHYEPLECPVSKNPFSKQLHNPVAFQIEGEKKAVCDPRYPFIG
TTYRVTEHWQTGLMTRRCAWLVEAEPQIFCEISKELAKLRGIGNGDTVKVSSLRGALEAVAIVTERIRPFKIEGVDVHMV
GLPWHYGWMVPKNGGDTANLLTPSAGDPNTGIPETKAFMVDVRKVWSHPQFEK
;
A
2 'polypeptide(L)'
;MGKMFFVDLSRCTACRGCQIACKQWKNLPAEETRNTGSHQNPPDLSYVTLKTVRFTEKSRKGPGIDWLFFPEQCRHCVEP
PCKGQADVDLEGAVVKDETTGAVLFTELTAKVDGESVRSACPYDIPRIDPVTKRLSKCDMCNDRVQNGLLPACVKTCPTG
TMNFGDEQEMLALAEKRLAEVKKTYPGAVLGDPNDVRVVYLFTRDPKDFYEHAVA
;
B
#
loop_
_chem_comp.id
_chem_comp.type
_chem_comp.name
_chem_comp.formula
EDO non-polymer 1,2-ETHANEDIOL 'C2 H6 O2'
GOL non-polymer GLYCEROL 'C3 H8 O3'
H2S non-polymer 'HYDROSULFURIC ACID' 'H2 S'
MGD non-polymer '2-AMINO-5,6-DIMERCAPTO-7-METHYL-3,7,8A,9-TETRAHYDRO-8-OXA-1,3,9,10-TETRAAZA-ANTHRACEN-4-ONE GUANOSINE DINUCLEOTIDE' 'C20 H26 N10 O13 P2 S2'
PEG non-polymer DI(HYDROXYETHYL)ETHER 'C4 H10 O3'
SF4 non-polymer 'IRON/SULFUR CLUSTER' 'Fe4 S4'
W non-polymer 'TUNGSTEN ION' 'W 6'
#
# COMPACT_ATOMS: atom_id res chain seq x y z
N GLU A 36 -29.42 -15.29 20.64
CA GLU A 36 -28.07 -14.67 20.45
C GLU A 36 -27.00 -15.77 20.40
N LEU A 37 -25.83 -15.43 19.85
CA LEU A 37 -24.61 -16.29 19.85
C LEU A 37 -23.84 -16.05 21.15
N GLN A 38 -23.47 -17.10 21.88
CA GLN A 38 -22.87 -17.01 23.24
C GLN A 38 -21.54 -16.26 23.17
N LYS A 39 -20.79 -16.47 22.09
CA LYS A 39 -19.42 -15.89 21.95
C LYS A 39 -19.51 -14.37 22.07
N LEU A 40 -20.58 -13.76 21.52
CA LEU A 40 -20.74 -12.28 21.37
C LEU A 40 -21.73 -11.69 22.37
N GLN A 41 -22.39 -12.52 23.20
CA GLN A 41 -23.69 -12.17 23.85
C GLN A 41 -23.55 -10.92 24.73
N TRP A 42 -22.50 -10.84 25.56
CA TRP A 42 -22.29 -9.72 26.51
C TRP A 42 -21.00 -8.96 26.16
N ALA A 43 -20.62 -8.95 24.88
CA ALA A 43 -19.49 -8.17 24.36
C ALA A 43 -20.01 -6.86 23.76
N LYS A 44 -19.32 -5.74 24.00
CA LYS A 44 -19.64 -4.47 23.30
C LYS A 44 -19.13 -4.55 21.86
N GLN A 45 -19.96 -4.14 20.91
CA GLN A 45 -19.62 -4.05 19.48
C GLN A 45 -19.09 -2.64 19.16
N THR A 46 -17.88 -2.56 18.61
CA THR A 46 -17.28 -1.30 18.10
C THR A 46 -16.78 -1.54 16.67
N THR A 47 -16.74 -0.48 15.86
CA THR A 47 -16.15 -0.49 14.49
C THR A 47 -14.66 -0.10 14.58
N SER A 48 -13.87 -0.63 13.64
CA SER A 48 -12.44 -0.30 13.46
C SER A 48 -12.13 -0.38 11.95
N ILE A 49 -10.89 -0.08 11.59
CA ILE A 49 -10.37 -0.20 10.19
C ILE A 49 -9.12 -1.08 10.28
N CYS A 50 -8.97 -1.99 9.31
CA CYS A 50 -7.82 -2.92 9.21
C CYS A 50 -6.50 -2.15 9.40
N CYS A 51 -5.55 -2.78 10.10
CA CYS A 51 -4.24 -2.20 10.47
C CYS A 51 -3.14 -2.64 9.48
N TYR A 52 -3.52 -3.32 8.39
CA TYR A 52 -2.57 -3.80 7.35
C TYR A 52 -2.62 -2.87 6.13
N CYS A 53 -3.13 -3.30 4.97
CA CYS A 53 -2.89 -2.60 3.67
C CYS A 53 -3.88 -1.44 3.49
N ALA A 54 -3.61 -0.59 2.49
CA ALA A 54 -4.27 0.71 2.27
C ALA A 54 -5.62 0.56 1.57
N VAL A 55 -6.18 -0.65 1.48
CA VAL A 55 -7.60 -0.83 1.01
C VAL A 55 -8.53 -0.17 2.05
N GLY A 56 -8.27 -0.37 3.34
CA GLY A 56 -9.00 0.28 4.45
C GLY A 56 -10.32 -0.40 4.75
N CYS A 57 -10.31 -1.74 4.80
CA CYS A 57 -11.49 -2.61 5.08
C CYS A 57 -12.03 -2.30 6.48
N GLY A 58 -13.36 -2.22 6.63
CA GLY A 58 -14.03 -2.06 7.95
C GLY A 58 -13.96 -3.34 8.76
N LEU A 59 -13.73 -3.22 10.08
CA LEU A 59 -13.83 -4.33 11.07
C LEU A 59 -15.01 -4.08 12.02
N ILE A 60 -15.54 -5.18 12.59
CA ILE A 60 -16.34 -5.23 13.85
C ILE A 60 -15.49 -5.91 14.93
N VAL A 61 -15.28 -5.24 16.07
CA VAL A 61 -14.60 -5.80 17.27
C VAL A 61 -15.66 -6.04 18.37
N HIS A 62 -15.67 -7.23 18.96
CA HIS A 62 -16.48 -7.57 20.16
C HIS A 62 -15.55 -7.64 21.38
N THR A 63 -15.83 -6.82 22.40
CA THR A 63 -15.00 -6.69 23.62
C THR A 63 -15.83 -7.19 24.81
N ALA A 64 -15.26 -8.13 25.59
CA ALA A 64 -15.92 -8.80 26.73
C ALA A 64 -16.33 -7.78 27.79
N LYS A 65 -17.10 -8.22 28.80
CA LYS A 65 -17.56 -7.39 29.94
C LYS A 65 -18.09 -6.05 29.44
N ASP A 66 -18.79 -6.05 28.30
CA ASP A 66 -19.41 -4.83 27.71
C ASP A 66 -18.35 -3.72 27.50
N GLY A 67 -17.17 -4.07 27.01
CA GLY A 67 -16.09 -3.11 26.65
C GLY A 67 -14.95 -3.15 27.65
N GLN A 68 -15.19 -3.62 28.88
CA GLN A 68 -14.25 -3.52 30.02
C GLN A 68 -13.26 -4.68 30.01
N GLY A 69 -13.50 -5.70 29.18
CA GLY A 69 -12.65 -6.90 29.09
C GLY A 69 -11.78 -6.91 27.85
N ARG A 70 -11.22 -8.08 27.51
CA ARG A 70 -10.41 -8.29 26.29
C ARG A 70 -11.33 -8.44 25.08
N ALA A 71 -10.80 -8.22 23.87
CA ALA A 71 -11.50 -8.52 22.61
C ALA A 71 -11.77 -10.03 22.60
N VAL A 72 -12.99 -10.43 22.23
CA VAL A 72 -13.39 -11.87 22.11
C VAL A 72 -13.53 -12.27 20.63
N ASN A 73 -13.78 -11.31 19.74
CA ASN A 73 -13.97 -11.59 18.30
C ASN A 73 -13.61 -10.36 17.46
N VAL A 74 -13.00 -10.57 16.30
CA VAL A 74 -12.75 -9.51 15.29
C VAL A 74 -13.06 -10.10 13.91
N GLU A 75 -14.00 -9.48 13.20
CA GLU A 75 -14.31 -9.89 11.81
C GLU A 75 -14.72 -8.66 11.03
N GLY A 76 -15.14 -8.86 9.78
CA GLY A 76 -15.47 -7.79 8.84
C GLY A 76 -16.69 -7.02 9.28
N ASP A 77 -16.74 -5.76 8.87
CA ASP A 77 -17.91 -4.86 9.02
C ASP A 77 -18.82 -5.06 7.81
N PRO A 78 -19.99 -5.70 7.97
CA PRO A 78 -20.86 -6.00 6.83
C PRO A 78 -21.35 -4.72 6.14
N ASP A 79 -21.43 -3.61 6.87
CA ASP A 79 -21.95 -2.32 6.37
C ASP A 79 -20.87 -1.51 5.64
N HIS A 80 -19.59 -1.83 5.79
CA HIS A 80 -18.51 -1.03 5.15
C HIS A 80 -18.59 -1.15 3.63
N PRO A 81 -18.63 -0.02 2.90
CA PRO A 81 -18.89 -0.04 1.47
C PRO A 81 -17.73 -0.53 0.58
N ILE A 82 -16.53 -0.66 1.15
CA ILE A 82 -15.32 -1.13 0.41
C ILE A 82 -15.29 -2.66 0.49
N ASN A 83 -15.33 -3.22 1.69
CA ASN A 83 -15.11 -4.67 1.90
C ASN A 83 -16.46 -5.39 2.12
N GLU A 84 -17.54 -4.68 2.46
CA GLU A 84 -18.87 -5.29 2.69
C GLU A 84 -18.73 -6.54 3.56
N GLY A 85 -17.88 -6.48 4.59
CA GLY A 85 -17.74 -7.56 5.58
C GLY A 85 -16.62 -8.53 5.25
N SER A 86 -16.08 -8.48 4.03
CA SER A 86 -15.00 -9.41 3.62
C SER A 86 -13.67 -8.96 4.27
N LEU A 87 -12.79 -9.92 4.54
CA LEU A 87 -11.39 -9.65 4.97
C LEU A 87 -10.49 -10.74 4.38
N CYS A 88 -9.29 -10.34 3.98
CA CYS A 88 -8.19 -11.26 3.56
C CYS A 88 -7.66 -11.88 4.85
N PRO A 89 -6.69 -12.83 4.82
CA PRO A 89 -6.28 -13.54 6.02
C PRO A 89 -5.64 -12.64 7.10
N LYS A 90 -5.05 -11.53 6.70
CA LYS A 90 -4.36 -10.59 7.63
C LYS A 90 -5.42 -9.86 8.46
N GLY A 91 -6.36 -9.15 7.83
CA GLY A 91 -7.50 -8.54 8.54
C GLY A 91 -8.27 -9.58 9.36
N ALA A 92 -8.39 -10.80 8.84
CA ALA A 92 -9.24 -11.87 9.41
C ALA A 92 -8.60 -12.42 10.69
N SER A 93 -7.29 -12.24 10.87
CA SER A 93 -6.50 -12.79 12.01
C SER A 93 -6.15 -11.68 13.01
N ILE A 94 -6.74 -10.49 12.87
CA ILE A 94 -6.44 -9.33 13.75
C ILE A 94 -6.73 -9.72 15.21
N PHE A 95 -7.76 -10.53 15.47
CA PHE A 95 -8.03 -11.09 16.82
C PHE A 95 -6.74 -11.67 17.42
N GLN A 96 -6.03 -12.50 16.65
CA GLN A 96 -4.83 -13.25 17.08
C GLN A 96 -3.62 -12.31 17.21
N LEU A 97 -3.62 -11.17 16.53
CA LEU A 97 -2.56 -10.13 16.66
C LEU A 97 -2.76 -9.41 17.99
N GLY A 98 -3.99 -8.96 18.26
CA GLY A 98 -4.35 -8.22 19.47
C GLY A 98 -4.19 -9.08 20.71
N GLU A 99 -4.88 -10.22 20.77
CA GLU A 99 -4.94 -11.12 21.95
C GLU A 99 -3.81 -12.13 21.84
N ASN A 100 -2.59 -11.68 22.15
CA ASN A 100 -1.33 -12.36 21.79
C ASN A 100 -0.37 -12.20 22.98
N ASP A 101 0.10 -13.33 23.53
CA ASP A 101 0.87 -13.34 24.80
C ASP A 101 2.37 -13.22 24.50
N GLN A 102 2.75 -13.13 23.22
CA GLN A 102 4.12 -12.76 22.79
C GLN A 102 4.27 -11.22 22.78
N ARG A 103 3.18 -10.47 22.82
CA ARG A 103 3.20 -8.98 22.77
C ARG A 103 4.00 -8.41 23.94
N GLY A 104 4.61 -7.24 23.73
CA GLY A 104 5.22 -6.42 24.79
C GLY A 104 4.20 -6.09 25.87
N THR A 105 4.65 -6.03 27.13
CA THR A 105 3.80 -5.80 28.33
C THR A 105 4.19 -4.47 28.98
N GLN A 106 5.48 -4.13 28.97
CA GLN A 106 6.05 -2.91 29.62
C GLN A 106 7.38 -2.56 28.96
N PRO A 107 7.89 -1.31 29.14
CA PRO A 107 9.21 -0.93 28.65
C PRO A 107 10.31 -1.90 29.08
N LEU A 108 11.18 -2.28 28.15
CA LEU A 108 12.46 -2.99 28.44
C LEU A 108 13.60 -2.01 28.22
N TYR A 109 14.74 -2.25 28.86
CA TYR A 109 16.00 -1.47 28.70
C TYR A 109 17.17 -2.45 28.54
N ARG A 110 18.07 -2.15 27.61
CA ARG A 110 19.33 -2.91 27.38
C ARG A 110 20.51 -1.95 27.56
N ALA A 111 21.45 -2.28 28.45
CA ALA A 111 22.63 -1.47 28.82
C ALA A 111 23.77 -1.77 27.85
N PRO A 112 24.67 -0.79 27.59
CA PRO A 112 25.82 -1.03 26.72
C PRO A 112 26.50 -2.36 27.05
N PHE A 113 26.79 -3.17 26.02
CA PHE A 113 27.63 -4.39 26.11
C PHE A 113 26.91 -5.52 26.84
N SER A 114 25.62 -5.35 27.15
CA SER A 114 24.78 -6.33 27.89
C SER A 114 24.28 -7.42 26.92
N ASP A 115 23.79 -8.55 27.45
CA ASP A 115 23.26 -9.69 26.64
C ASP A 115 21.84 -10.05 27.10
N THR A 116 21.17 -9.15 27.83
CA THR A 116 19.87 -9.41 28.51
C THR A 116 19.04 -8.12 28.51
N TRP A 117 17.73 -8.24 28.38
CA TRP A 117 16.74 -7.15 28.57
C TRP A 117 16.57 -6.92 30.07
N LYS A 118 16.24 -5.70 30.48
CA LYS A 118 15.90 -5.38 31.89
C LYS A 118 14.49 -4.76 31.91
N PRO A 119 13.48 -5.46 32.46
CA PRO A 119 12.16 -4.86 32.68
C PRO A 119 12.32 -3.56 33.48
N VAL A 120 11.48 -2.57 33.20
CA VAL A 120 11.71 -1.14 33.55
C VAL A 120 10.36 -0.42 33.50
N THR A 121 10.18 0.64 34.29
CA THR A 121 8.91 1.41 34.37
C THR A 121 8.86 2.41 33.21
N TRP A 122 7.66 2.91 32.91
CA TRP A 122 7.39 3.99 31.92
C TRP A 122 8.03 5.28 32.42
N ASP A 123 7.80 5.63 33.68
CA ASP A 123 8.34 6.86 34.32
C ASP A 123 9.86 6.89 34.16
N PHE A 124 10.54 5.77 34.42
CA PHE A 124 12.01 5.63 34.25
C PHE A 124 12.35 5.85 32.77
N ALA A 125 11.81 4.99 31.91
CA ALA A 125 12.13 4.89 30.46
C ALA A 125 12.13 6.27 29.81
N LEU A 126 11.08 7.07 30.06
CA LEU A 126 10.82 8.38 29.42
C LEU A 126 11.64 9.50 30.09
N THR A 127 12.09 9.30 31.34
CA THR A 127 13.02 10.20 32.06
C THR A 127 14.41 10.04 31.43
N GLU A 128 14.87 8.78 31.31
CA GLU A 128 16.20 8.43 30.72
C GLU A 128 16.22 8.73 29.21
N ILE A 129 15.07 8.58 28.52
CA ILE A 129 14.92 8.92 27.08
C ILE A 129 15.17 10.42 26.91
N ALA A 130 14.40 11.26 27.60
CA ALA A 130 14.50 12.74 27.60
C ALA A 130 15.97 13.17 27.80
N LYS A 131 16.71 12.52 28.70
CA LYS A 131 18.12 12.87 29.03
C LYS A 131 19.02 12.54 27.83
N ARG A 132 18.76 11.42 27.14
CA ARG A 132 19.57 11.01 25.96
C ARG A 132 19.33 11.97 24.80
N ILE A 133 18.09 12.42 24.64
CA ILE A 133 17.66 13.41 23.61
C ILE A 133 18.44 14.72 23.87
N LYS A 134 18.22 15.34 25.04
CA LYS A 134 18.79 16.66 25.42
C LYS A 134 20.32 16.64 25.33
N LYS A 135 20.97 15.64 25.91
CA LYS A 135 22.46 15.49 25.85
C LYS A 135 22.90 15.58 24.38
N THR A 136 22.43 14.64 23.56
CA THR A 136 22.76 14.53 22.10
C THR A 136 22.42 15.83 21.38
N ARG A 137 21.23 16.39 21.64
CA ARG A 137 20.75 17.64 20.99
C ARG A 137 21.75 18.76 21.24
N ASP A 138 21.97 19.12 22.52
CA ASP A 138 22.88 20.20 22.97
C ASP A 138 24.24 20.06 22.29
N ALA A 139 24.84 18.86 22.36
CA ALA A 139 26.17 18.53 21.80
C ALA A 139 26.23 18.78 20.28
N SER A 140 25.12 18.58 19.55
CA SER A 140 25.09 18.51 18.06
C SER A 140 24.29 19.65 17.42
N PHE A 141 23.56 20.46 18.19
CA PHE A 141 22.70 21.56 17.64
C PHE A 141 23.57 22.55 16.86
N THR A 142 23.18 22.88 15.63
CA THR A 142 23.80 23.95 14.78
C THR A 142 22.79 25.09 14.63
N GLU A 143 22.98 26.18 15.38
CA GLU A 143 22.24 27.46 15.20
C GLU A 143 22.35 27.93 13.73
N LYS A 144 23.54 27.84 13.13
CA LYS A 144 23.87 28.34 11.76
C LYS A 144 24.85 27.39 11.06
N ASN A 145 24.60 27.10 9.77
CA ASN A 145 25.41 26.14 8.96
C ASN A 145 26.78 26.77 8.69
N ALA A 146 27.63 26.07 7.92
CA ALA A 146 29.01 26.47 7.55
C ALA A 146 28.98 27.80 6.78
N ALA A 147 28.01 27.98 5.87
CA ALA A 147 27.82 29.22 5.07
C ALA A 147 27.19 30.34 5.94
N GLY A 148 27.01 30.10 7.24
CA GLY A 148 26.60 31.14 8.22
C GLY A 148 25.10 31.42 8.19
N ASP A 149 24.32 30.56 7.53
CA ASP A 149 22.85 30.70 7.37
C ASP A 149 22.14 29.97 8.54
N LEU A 150 20.99 30.51 8.97
CA LEU A 150 20.17 29.96 10.09
C LEU A 150 19.54 28.63 9.66
N VAL A 151 19.72 27.57 10.45
CA VAL A 151 19.13 26.23 10.20
C VAL A 151 18.46 25.69 11.48
N ASN A 152 18.95 26.04 12.68
CA ASN A 152 18.31 25.71 13.99
C ASN A 152 17.93 24.23 14.04
N ARG A 153 18.89 23.33 13.80
CA ARG A 153 18.65 21.88 13.58
C ARG A 153 19.64 21.02 14.38
N THR A 154 19.33 19.73 14.50
CA THR A 154 20.15 18.65 15.09
C THR A 154 20.37 17.59 14.02
N GLU A 155 21.61 17.18 13.80
CA GLU A 155 21.96 16.16 12.77
C GLU A 155 22.56 14.92 13.44
N ALA A 156 22.49 14.82 14.77
CA ALA A 156 23.00 13.65 15.54
C ALA A 156 21.87 12.64 15.76
N ILE A 157 20.61 13.07 15.67
CA ILE A 157 19.40 12.21 15.87
C ILE A 157 18.65 12.04 14.54
N ALA A 158 18.26 10.80 14.25
CA ALA A 158 17.42 10.39 13.09
C ALA A 158 16.14 9.73 13.61
N SER A 159 15.10 9.71 12.77
CA SER A 159 13.79 9.05 13.05
C SER A 159 13.31 8.27 11.82
N PHE A 160 12.98 7.00 12.03
CA PHE A 160 12.25 6.13 11.08
C PHE A 160 10.84 5.87 11.63
N GLY A 161 9.81 6.29 10.88
CA GLY A 161 8.43 5.79 11.01
C GLY A 161 7.43 6.90 11.30
N SER A 162 6.13 6.57 11.25
CA SER A 162 5.65 5.27 10.81
C SER A 162 4.33 5.44 10.06
N ALA A 163 4.19 4.68 8.97
CA ALA A 163 2.95 4.53 8.18
C ALA A 163 1.89 3.73 8.96
N ALA A 164 2.27 3.06 10.05
CA ALA A 164 1.39 2.21 10.87
C ALA A 164 0.68 3.02 11.97
N MET A 165 1.04 4.28 12.18
CA MET A 165 0.47 5.11 13.28
C MET A 165 -0.80 5.83 12.77
N ASP A 166 -1.68 6.23 13.69
CA ASP A 166 -2.88 7.05 13.39
C ASP A 166 -2.44 8.40 12.82
N ASN A 167 -3.31 9.02 12.03
CA ASN A 167 -3.02 10.33 11.38
C ASN A 167 -2.67 11.38 12.43
N GLU A 168 -3.38 11.38 13.55
CA GLU A 168 -3.20 12.38 14.65
C GLU A 168 -1.84 12.15 15.30
N GLU A 169 -1.45 10.88 15.47
CA GLU A 169 -0.15 10.45 16.05
C GLU A 169 1.00 10.78 15.08
N CYS A 170 0.76 10.68 13.77
CA CYS A 170 1.75 11.00 12.72
C CYS A 170 2.01 12.51 12.72
N TRP A 171 0.93 13.28 12.77
CA TRP A 171 0.98 14.75 12.75
C TRP A 171 1.76 15.24 13.97
N ALA A 172 1.37 14.78 15.16
CA ALA A 172 1.98 15.18 16.43
C ALA A 172 3.42 14.67 16.47
N TYR A 173 3.68 13.45 16.01
CA TYR A 173 5.05 12.87 15.99
C TYR A 173 5.99 13.79 15.20
N GLY A 174 5.59 14.17 13.98
CA GLY A 174 6.37 15.04 13.09
C GLY A 174 6.71 16.35 13.76
N ASN A 175 5.72 16.96 14.40
CA ASN A 175 5.86 18.27 15.11
C ASN A 175 6.80 18.12 16.29
N ILE A 176 6.73 17.00 17.03
CA ILE A 176 7.66 16.72 18.17
C ILE A 176 9.10 16.66 17.64
N LEU A 177 9.35 15.91 16.57
CA LEU A 177 10.71 15.71 16.01
C LEU A 177 11.27 17.05 15.52
N ARG A 178 10.46 17.89 14.88
CA ARG A 178 10.91 19.17 14.27
C ARG A 178 11.15 20.20 15.38
N SER A 179 10.31 20.24 16.42
CA SER A 179 10.50 21.10 17.61
C SER A 179 11.84 20.78 18.27
N LEU A 180 12.26 19.52 18.25
CA LEU A 180 13.58 19.06 18.77
C LEU A 180 14.69 19.36 17.74
N GLY A 181 14.32 19.88 16.56
CA GLY A 181 15.25 20.33 15.51
C GLY A 181 15.71 19.22 14.58
N LEU A 182 14.99 18.10 14.47
CA LEU A 182 15.39 17.00 13.54
C LEU A 182 15.07 17.40 12.10
N VAL A 183 15.88 16.90 11.16
CA VAL A 183 15.66 17.03 9.70
C VAL A 183 15.66 15.64 9.07
N TYR A 184 16.44 14.70 9.64
CA TYR A 184 16.50 13.27 9.25
C TYR A 184 15.27 12.54 9.78
N ILE A 185 14.13 12.76 9.12
CA ILE A 185 12.78 12.23 9.47
C ILE A 185 12.22 11.51 8.25
N GLU A 186 12.25 10.18 8.26
CA GLU A 186 11.87 9.31 7.13
C GLU A 186 10.91 8.23 7.63
N HIS A 187 10.23 7.55 6.70
CA HIS A 187 9.37 6.37 7.00
C HIS A 187 9.19 5.53 5.74
N GLN A 188 8.27 4.58 5.81
CA GLN A 188 7.89 3.59 4.75
C GLN A 188 7.87 4.26 3.36
N ALA A 189 7.21 5.42 3.24
CA ALA A 189 6.84 6.12 1.99
C ALA A 189 8.06 6.37 1.08
N ARG A 190 9.28 6.46 1.63
CA ARG A 190 10.52 6.68 0.85
C ARG A 190 10.81 5.46 -0.06
N ILE A 191 10.68 4.24 0.48
CA ILE A 191 11.14 3.00 -0.20
C ILE A 191 10.31 2.80 -1.47
N SEC A 192 8.99 2.60 -1.34
CA SEC A 192 8.10 2.37 -2.51
C SEC A 192 7.75 3.71 -3.16
N HIS A 193 6.65 4.37 -2.78
CA HIS A 193 5.95 5.44 -3.58
C HIS A 193 6.56 6.83 -3.34
N SER A 194 7.88 6.92 -3.21
CA SER A 194 8.69 8.17 -3.38
C SER A 194 8.67 8.61 -4.83
N PRO A 195 8.75 7.69 -5.83
CA PRO A 195 8.64 8.03 -7.26
C PRO A 195 7.23 8.45 -7.73
N THR A 196 6.18 7.84 -7.16
CA THR A 196 4.76 8.09 -7.50
C THR A 196 4.43 9.57 -7.35
N VAL A 197 4.80 10.18 -6.22
CA VAL A 197 4.40 11.59 -5.87
C VAL A 197 5.00 12.56 -6.90
N PRO A 198 6.34 12.61 -7.14
CA PRO A 198 6.88 13.49 -8.17
C PRO A 198 6.29 13.22 -9.56
N ALA A 199 6.21 11.96 -9.98
CA ALA A 199 5.77 11.54 -11.33
C ALA A 199 4.33 12.02 -11.56
N LEU A 200 3.44 11.73 -10.62
CA LEU A 200 2.00 12.10 -10.71
C LEU A 200 1.83 13.59 -10.44
N ALA A 201 2.65 14.21 -9.59
CA ALA A 201 2.58 15.66 -9.31
C ALA A 201 2.97 16.45 -10.57
N GLU A 202 4.06 16.06 -11.23
CA GLU A 202 4.48 16.63 -12.54
C GLU A 202 3.34 16.47 -13.55
N SER A 203 2.69 15.31 -13.56
CA SER A 203 1.67 14.94 -14.56
C SER A 203 0.34 15.67 -14.30
N PHE A 204 -0.19 15.61 -13.07
CA PHE A 204 -1.58 16.05 -12.72
C PHE A 204 -1.62 17.15 -11.66
N GLY A 205 -0.53 17.35 -10.90
CA GLY A 205 -0.42 18.39 -9.87
C GLY A 205 -0.52 17.83 -8.46
N ARG A 206 -0.91 16.56 -8.30
CA ARG A 206 -0.90 15.87 -6.98
C ARG A 206 -0.23 14.50 -7.13
N GLY A 207 0.33 13.99 -6.03
CA GLY A 207 1.05 12.71 -5.96
C GLY A 207 0.12 11.53 -5.68
N ALA A 208 -1.12 11.79 -5.28
CA ALA A 208 -2.05 10.80 -4.68
C ALA A 208 -2.72 9.91 -5.76
N MET A 209 -3.11 8.71 -5.36
CA MET A 209 -4.03 7.83 -6.13
C MET A 209 -5.21 8.71 -6.56
N THR A 210 -5.48 8.75 -7.86
CA THR A 210 -6.40 9.71 -8.51
C THR A 210 -7.85 9.28 -8.24
N ASN A 211 -8.13 7.98 -8.18
CA ASN A 211 -9.51 7.43 -8.02
C ASN A 211 -9.60 6.73 -6.67
N HIS A 212 -10.32 5.61 -6.56
CA HIS A 212 -10.47 4.87 -5.28
C HIS A 212 -10.97 3.46 -5.56
N TRP A 213 -11.00 2.62 -4.54
CA TRP A 213 -11.18 1.15 -4.66
C TRP A 213 -12.51 0.81 -5.36
N ASN A 214 -13.61 1.40 -4.91
CA ASN A 214 -14.98 1.13 -5.43
C ASN A 214 -15.02 1.46 -6.92
N ASP A 215 -14.29 2.50 -7.32
CA ASP A 215 -14.32 3.08 -8.69
C ASP A 215 -13.77 2.09 -9.72
N LEU A 216 -12.98 1.10 -9.29
CA LEU A 216 -12.39 0.06 -10.19
C LEU A 216 -13.50 -0.65 -10.96
N ALA A 217 -14.64 -0.92 -10.30
CA ALA A 217 -15.79 -1.67 -10.85
C ALA A 217 -16.38 -0.94 -12.07
N ASN A 218 -16.08 0.34 -12.26
CA ASN A 218 -16.57 1.16 -13.39
C ASN A 218 -15.64 1.05 -14.61
N SER A 219 -14.49 0.39 -14.48
CA SER A 219 -13.45 0.36 -15.55
C SER A 219 -13.86 -0.63 -16.65
N ASP A 220 -13.46 -0.36 -17.89
CA ASP A 220 -13.71 -1.24 -19.06
C ASP A 220 -12.46 -2.09 -19.35
N CYS A 221 -11.27 -1.62 -18.96
CA CYS A 221 -10.01 -2.37 -19.10
C CYS A 221 -9.10 -2.07 -17.90
N ILE A 222 -8.85 -3.07 -17.06
CA ILE A 222 -7.95 -2.93 -15.88
C ILE A 222 -6.59 -3.51 -16.24
N LEU A 223 -5.58 -2.64 -16.34
CA LEU A 223 -4.17 -3.03 -16.53
C LEU A 223 -3.51 -3.06 -15.15
N ILE A 224 -3.18 -4.26 -14.69
CA ILE A 224 -2.40 -4.46 -13.45
C ILE A 224 -0.95 -4.72 -13.87
N MET A 225 -0.07 -3.78 -13.57
CA MET A 225 1.34 -3.80 -14.03
C MET A 225 2.24 -3.22 -12.93
N GLY A 226 3.21 -4.00 -12.47
CA GLY A 226 4.05 -3.65 -11.30
C GLY A 226 3.25 -3.77 -10.01
N SER A 227 2.24 -4.66 -10.00
CA SER A 227 1.32 -4.87 -8.87
C SER A 227 0.87 -6.33 -8.85
N ASN A 228 0.74 -6.89 -7.65
CA ASN A 228 0.18 -8.23 -7.42
C ASN A 228 -1.04 -8.08 -6.52
N ALA A 229 -2.06 -7.35 -7.00
CA ALA A 229 -3.14 -6.76 -6.18
C ALA A 229 -3.99 -7.84 -5.50
N ALA A 230 -4.19 -9.01 -6.11
CA ALA A 230 -4.99 -10.09 -5.50
C ALA A 230 -4.33 -10.57 -4.19
N GLU A 231 -3.01 -10.40 -4.06
CA GLU A 231 -2.24 -10.82 -2.85
C GLU A 231 -2.02 -9.63 -1.92
N ASN A 232 -1.82 -8.42 -2.47
CA ASN A 232 -1.24 -7.26 -1.71
C ASN A 232 -2.29 -6.18 -1.47
N HIS A 233 -3.44 -6.24 -2.14
CA HIS A 233 -4.62 -5.38 -1.87
C HIS A 233 -5.86 -6.25 -2.08
N PRO A 234 -5.96 -7.42 -1.42
CA PRO A 234 -6.87 -8.48 -1.84
C PRO A 234 -8.32 -8.07 -2.06
N ILE A 235 -8.88 -7.20 -1.21
CA ILE A 235 -10.32 -6.79 -1.30
C ILE A 235 -10.53 -5.96 -2.57
N ALA A 236 -9.48 -5.33 -3.12
CA ALA A 236 -9.55 -4.64 -4.42
C ALA A 236 -10.17 -5.55 -5.48
N PHE A 237 -9.94 -6.86 -5.39
CA PHE A 237 -10.38 -7.85 -6.42
C PHE A 237 -11.90 -8.04 -6.37
N LYS A 238 -12.57 -7.74 -5.25
CA LYS A 238 -14.05 -7.58 -5.21
C LYS A 238 -14.46 -6.68 -6.38
N TRP A 239 -13.82 -5.51 -6.49
CA TRP A 239 -14.19 -4.42 -7.45
C TRP A 239 -13.62 -4.70 -8.83
N VAL A 240 -12.44 -5.30 -8.92
CA VAL A 240 -11.80 -5.70 -10.21
C VAL A 240 -12.71 -6.73 -10.89
N LEU A 241 -13.21 -7.72 -10.14
CA LEU A 241 -14.04 -8.83 -10.71
C LEU A 241 -15.43 -8.30 -11.08
N ARG A 242 -15.95 -7.30 -10.34
CA ARG A 242 -17.23 -6.64 -10.68
C ARG A 242 -17.08 -5.86 -11.99
N ALA A 243 -15.92 -5.25 -12.24
CA ALA A 243 -15.62 -4.61 -13.54
C ALA A 243 -15.79 -5.67 -14.64
N LYS A 244 -15.20 -6.85 -14.46
CA LYS A 244 -15.29 -7.97 -15.44
C LYS A 244 -16.76 -8.35 -15.62
N ASP A 245 -17.53 -8.48 -14.53
CA ASP A 245 -18.97 -8.81 -14.57
C ASP A 245 -19.70 -7.89 -15.57
N LYS A 246 -19.28 -6.62 -15.68
CA LYS A 246 -19.95 -5.59 -16.52
C LYS A 246 -19.18 -5.36 -17.82
N GLY A 247 -18.34 -6.30 -18.24
CA GLY A 247 -17.73 -6.30 -19.58
C GLY A 247 -16.24 -5.97 -19.59
N ALA A 248 -15.61 -5.71 -18.44
CA ALA A 248 -14.20 -5.27 -18.40
C ALA A 248 -13.28 -6.45 -18.76
N THR A 249 -12.20 -6.14 -19.48
CA THR A 249 -11.03 -7.03 -19.71
C THR A 249 -10.01 -6.76 -18.59
N LEU A 250 -9.50 -7.81 -17.95
CA LEU A 250 -8.49 -7.74 -16.88
C LEU A 250 -7.14 -8.24 -17.43
N ILE A 251 -6.09 -7.42 -17.29
CA ILE A 251 -4.76 -7.65 -17.91
C ILE A 251 -3.70 -7.56 -16.81
N HIS A 252 -2.98 -8.66 -16.59
CA HIS A 252 -1.81 -8.72 -15.69
C HIS A 252 -0.53 -8.78 -16.53
N VAL A 253 0.33 -7.78 -16.38
CA VAL A 253 1.70 -7.71 -16.98
C VAL A 253 2.72 -7.82 -15.85
N ASP A 254 3.36 -8.99 -15.73
CA ASP A 254 4.19 -9.35 -14.55
C ASP A 254 5.26 -10.35 -14.97
N PRO A 255 6.50 -10.24 -14.47
CA PRO A 255 7.54 -11.25 -14.68
C PRO A 255 7.14 -12.65 -14.20
N ARG A 256 6.27 -12.74 -13.20
CA ARG A 256 5.77 -14.01 -12.61
C ARG A 256 4.28 -14.18 -12.86
N PHE A 257 3.83 -15.44 -12.87
CA PHE A 257 2.39 -15.81 -12.81
C PHE A 257 2.02 -15.97 -11.34
N THR A 258 1.08 -15.15 -10.85
CA THR A 258 0.71 -15.04 -9.41
C THR A 258 -0.78 -15.38 -9.19
N ARG A 259 -1.27 -15.19 -7.98
CA ARG A 259 -2.69 -15.41 -7.63
C ARG A 259 -3.56 -14.41 -8.41
N THR A 260 -3.02 -13.23 -8.72
CA THR A 260 -3.66 -12.19 -9.58
C THR A 260 -3.80 -12.71 -11.01
N SER A 261 -2.71 -13.22 -11.56
CA SER A 261 -2.64 -13.72 -12.96
C SER A 261 -3.76 -14.74 -13.17
N ALA A 262 -4.03 -15.58 -12.17
CA ALA A 262 -5.02 -16.70 -12.23
C ALA A 262 -6.42 -16.17 -12.58
N ARG A 263 -6.75 -14.93 -12.20
CA ARG A 263 -8.13 -14.38 -12.24
C ARG A 263 -8.22 -13.20 -13.22
N CYS A 264 -7.22 -13.02 -14.07
CA CYS A 264 -7.24 -12.02 -15.18
C CYS A 264 -7.53 -12.72 -16.51
N ASP A 265 -8.05 -11.98 -17.48
CA ASP A 265 -8.39 -12.50 -18.84
C ASP A 265 -7.09 -12.68 -19.62
N VAL A 266 -6.13 -11.76 -19.44
CA VAL A 266 -4.83 -11.75 -20.16
C VAL A 266 -3.70 -11.74 -19.14
N TYR A 267 -2.84 -12.76 -19.16
CA TYR A 267 -1.52 -12.73 -18.49
C TYR A 267 -0.41 -12.60 -19.54
N ALA A 268 0.37 -11.52 -19.45
CA ALA A 268 1.51 -11.23 -20.33
C ALA A 268 2.79 -11.16 -19.49
N PRO A 269 3.76 -12.05 -19.72
CA PRO A 269 5.06 -11.94 -19.06
C PRO A 269 5.75 -10.69 -19.59
N ILE A 270 6.55 -10.08 -18.73
CA ILE A 270 7.48 -8.98 -19.06
C ILE A 270 8.74 -9.24 -18.24
N ARG A 271 9.93 -9.05 -18.81
CA ARG A 271 11.19 -9.25 -18.05
C ARG A 271 11.40 -8.00 -17.20
N SER A 272 12.08 -8.15 -16.06
CA SER A 272 12.30 -7.08 -15.06
C SER A 272 12.85 -5.82 -15.75
N GLY A 273 12.20 -4.68 -15.49
CA GLY A 273 12.69 -3.35 -15.87
C GLY A 273 12.50 -3.05 -17.34
N ALA A 274 11.63 -3.79 -18.04
CA ALA A 274 11.33 -3.57 -19.48
C ALA A 274 9.98 -2.85 -19.65
N ASP A 275 9.53 -2.12 -18.62
CA ASP A 275 8.20 -1.47 -18.61
C ASP A 275 8.19 -0.22 -19.50
N ILE A 276 9.28 0.55 -19.54
CA ILE A 276 9.35 1.76 -20.42
C ILE A 276 9.15 1.35 -21.88
N PRO A 277 9.89 0.34 -22.40
CA PRO A 277 9.67 -0.16 -23.76
C PRO A 277 8.22 -0.58 -24.00
N PHE A 278 7.63 -1.27 -23.04
CA PHE A 278 6.23 -1.74 -23.10
C PHE A 278 5.31 -0.52 -23.25
N LEU A 279 5.44 0.46 -22.36
CA LEU A 279 4.54 1.65 -22.28
C LEU A 279 4.79 2.58 -23.46
N GLY A 280 6.07 2.73 -23.87
CA GLY A 280 6.47 3.55 -25.04
C GLY A 280 5.89 2.99 -26.33
N GLY A 281 5.91 1.67 -26.49
CA GLY A 281 5.24 0.95 -27.59
C GLY A 281 3.74 1.19 -27.60
N LEU A 282 3.12 1.31 -26.41
CA LEU A 282 1.67 1.62 -26.30
C LEU A 282 1.43 3.08 -26.70
N ILE A 283 2.34 3.98 -26.31
CA ILE A 283 2.24 5.41 -26.71
C ILE A 283 2.27 5.48 -28.25
N LYS A 284 3.29 4.87 -28.87
CA LYS A 284 3.47 4.84 -30.35
C LYS A 284 2.21 4.29 -31.01
N TYR A 285 1.69 3.18 -30.49
CA TYR A 285 0.46 2.52 -30.99
C TYR A 285 -0.70 3.52 -30.98
N ILE A 286 -0.92 4.17 -29.83
CA ILE A 286 -2.07 5.09 -29.60
C ILE A 286 -1.99 6.25 -30.60
N LEU A 287 -0.79 6.82 -30.77
CA LEU A 287 -0.54 7.99 -31.65
C LEU A 287 -0.65 7.58 -33.11
N ASP A 288 0.14 6.59 -33.55
CA ASP A 288 0.16 6.09 -34.95
C ASP A 288 -1.28 5.80 -35.40
N ASN A 289 -2.13 5.25 -34.52
CA ASN A 289 -3.48 4.73 -34.91
C ASN A 289 -4.58 5.74 -34.60
N LYS A 290 -4.23 6.96 -34.16
CA LYS A 290 -5.21 8.05 -33.85
C LYS A 290 -6.24 7.52 -32.86
N LEU A 291 -5.79 6.80 -31.82
CA LEU A 291 -6.68 6.17 -30.81
C LEU A 291 -6.83 7.11 -29.61
N TYR A 292 -6.08 8.21 -29.60
CA TYR A 292 -6.14 9.26 -28.54
C TYR A 292 -7.42 10.07 -28.71
N PHE A 293 -7.97 10.54 -27.59
CA PHE A 293 -9.26 11.27 -27.50
C PHE A 293 -9.00 12.76 -27.71
N THR A 294 -9.09 13.19 -28.98
CA THR A 294 -8.54 14.47 -29.51
C THR A 294 -9.05 15.67 -28.69
N ASP A 295 -10.34 15.76 -28.43
CA ASP A 295 -10.91 16.96 -27.75
C ASP A 295 -10.27 17.05 -26.36
N TYR A 296 -10.29 15.96 -25.60
CA TYR A 296 -9.67 15.85 -24.25
C TYR A 296 -8.21 16.30 -24.33
N VAL A 297 -7.44 15.71 -25.23
CA VAL A 297 -5.99 16.00 -25.41
C VAL A 297 -5.81 17.49 -25.76
N ARG A 298 -6.63 18.06 -26.65
CA ARG A 298 -6.49 19.46 -27.11
C ARG A 298 -6.69 20.44 -25.95
N GLU A 299 -7.72 20.24 -25.12
CA GLU A 299 -8.18 21.25 -24.12
C GLU A 299 -7.51 21.05 -22.75
N TYR A 300 -7.25 19.81 -22.34
CA TYR A 300 -7.03 19.42 -20.93
C TYR A 300 -5.57 18.96 -20.69
N THR A 301 -4.82 18.63 -21.73
CA THR A 301 -3.38 18.27 -21.64
C THR A 301 -2.54 19.43 -22.19
N ASN A 302 -1.22 19.36 -22.09
CA ASN A 302 -0.30 20.38 -22.65
C ASN A 302 0.10 20.00 -24.09
N ALA A 303 -0.70 19.18 -24.78
CA ALA A 303 -0.51 18.77 -26.19
C ALA A 303 -0.24 19.99 -27.08
N SER A 304 -0.97 21.09 -26.86
CA SER A 304 -1.00 22.30 -27.71
C SER A 304 0.12 23.29 -27.37
N LEU A 305 0.80 23.14 -26.24
CA LEU A 305 1.85 24.10 -25.78
C LEU A 305 3.07 23.98 -26.69
N ILE A 306 3.68 25.11 -27.05
CA ILE A 306 4.87 25.18 -27.97
C ILE A 306 6.14 25.10 -27.12
N VAL A 307 7.02 24.15 -27.41
CA VAL A 307 8.34 24.03 -26.72
C VAL A 307 9.33 24.98 -27.39
N GLY A 308 10.26 25.55 -26.61
CA GLY A 308 11.35 26.41 -27.11
C GLY A 308 12.26 25.66 -28.06
N GLU A 309 12.85 26.37 -29.04
CA GLU A 309 13.68 25.78 -30.12
C GLU A 309 14.86 25.00 -29.53
N LYS A 310 15.30 25.34 -28.31
CA LYS A 310 16.49 24.75 -27.63
C LYS A 310 16.23 23.29 -27.23
N PHE A 311 14.97 22.84 -27.20
CA PHE A 311 14.63 21.42 -26.95
C PHE A 311 15.03 20.57 -28.16
N SER A 312 15.76 19.48 -27.92
CA SER A 312 16.04 18.42 -28.91
C SER A 312 16.35 17.11 -28.19
N PHE A 313 16.50 16.02 -28.95
CA PHE A 313 16.80 14.65 -28.47
C PHE A 313 17.50 13.86 -29.58
N LYS A 314 18.65 13.24 -29.29
CA LYS A 314 19.39 12.40 -30.25
C LYS A 314 20.36 11.49 -29.48
N ASP A 315 20.59 10.28 -29.99
CA ASP A 315 21.53 9.28 -29.41
C ASP A 315 21.18 9.06 -27.94
N GLY A 316 19.89 9.10 -27.60
CA GLY A 316 19.37 8.81 -26.24
C GLY A 316 19.64 9.94 -25.25
N LEU A 317 19.95 11.15 -25.72
CA LEU A 317 20.24 12.32 -24.85
C LEU A 317 19.36 13.50 -25.27
N PHE A 318 18.83 14.22 -24.28
CA PHE A 318 18.06 15.48 -24.46
C PHE A 318 19.07 16.64 -24.58
N SER A 319 18.64 17.76 -25.15
CA SER A 319 19.44 18.99 -25.29
C SER A 319 19.88 19.47 -23.90
N GLY A 320 21.08 20.06 -23.81
CA GLY A 320 21.60 20.67 -22.57
C GLY A 320 22.17 19.64 -21.61
N TYR A 321 22.67 18.53 -22.13
CA TYR A 321 23.32 17.48 -21.31
C TYR A 321 24.70 17.96 -20.86
N ASP A 322 25.02 17.77 -19.58
CA ASP A 322 26.36 18.06 -19.02
C ASP A 322 27.06 16.74 -18.71
N ALA A 323 27.80 16.23 -19.71
CA ALA A 323 28.51 14.92 -19.69
C ALA A 323 29.39 14.82 -18.44
N ALA A 324 30.06 15.91 -18.06
CA ALA A 324 30.92 15.99 -16.86
C ALA A 324 30.13 15.56 -15.63
N ASN A 325 29.09 16.31 -15.25
CA ASN A 325 28.34 16.13 -13.97
C ASN A 325 27.25 15.07 -14.11
N LYS A 326 26.91 14.63 -15.33
CA LYS A 326 25.81 13.65 -15.57
C LYS A 326 24.49 14.26 -15.08
N LYS A 327 24.10 15.39 -15.66
CA LYS A 327 22.84 16.11 -15.31
C LYS A 327 22.50 17.08 -16.44
N TYR A 328 21.25 17.53 -16.49
CA TYR A 328 20.66 18.29 -17.62
C TYR A 328 20.48 19.77 -17.21
N ASP A 329 20.62 20.66 -18.19
CA ASP A 329 20.24 22.10 -18.12
C ASP A 329 18.77 22.22 -18.54
N LYS A 330 17.84 22.16 -17.58
CA LYS A 330 16.39 21.98 -17.83
C LYS A 330 15.80 23.22 -18.50
N SER A 331 16.50 24.35 -18.45
CA SER A 331 16.09 25.61 -19.12
C SER A 331 16.06 25.44 -20.64
N MET A 332 16.83 24.48 -21.18
CA MET A 332 16.86 24.13 -22.62
C MET A 332 15.53 23.50 -23.04
N TRP A 333 14.72 23.08 -22.06
CA TRP A 333 13.41 22.38 -22.27
C TRP A 333 12.24 23.35 -22.11
N ALA A 334 12.49 24.57 -21.62
CA ALA A 334 11.43 25.55 -21.29
C ALA A 334 10.52 25.76 -22.50
N PHE A 335 9.24 25.96 -22.23
CA PHE A 335 8.21 26.36 -23.22
C PHE A 335 8.61 27.70 -23.83
N GLU A 336 8.15 27.95 -25.04
CA GLU A 336 8.07 29.32 -25.62
C GLU A 336 6.95 30.06 -24.88
N LEU A 337 7.19 31.32 -24.49
CA LEU A 337 6.25 32.15 -23.71
C LEU A 337 5.73 33.30 -24.59
N ASP A 338 4.46 33.66 -24.47
CA ASP A 338 3.85 34.84 -25.14
C ASP A 338 4.22 36.10 -24.35
N ALA A 339 3.64 37.25 -24.70
CA ALA A 339 3.93 38.59 -24.12
C ALA A 339 3.70 38.63 -22.60
N ASN A 340 2.72 37.88 -22.09
CA ASN A 340 2.33 37.85 -20.65
C ASN A 340 3.27 36.94 -19.85
N GLY A 341 4.02 36.04 -20.51
CA GLY A 341 4.83 34.99 -19.86
C GLY A 341 4.06 33.67 -19.77
N VAL A 342 2.90 33.59 -20.43
CA VAL A 342 2.07 32.36 -20.56
C VAL A 342 2.66 31.51 -21.68
N PRO A 343 2.87 30.18 -21.48
CA PRO A 343 3.33 29.32 -22.55
C PRO A 343 2.44 29.48 -23.80
N LYS A 344 3.06 29.78 -24.96
CA LYS A 344 2.39 29.87 -26.27
C LYS A 344 1.73 28.52 -26.60
N ARG A 345 0.63 28.56 -27.35
CA ARG A 345 -0.18 27.37 -27.69
C ARG A 345 -0.60 27.41 -29.17
N ASP A 346 -0.65 26.25 -29.81
CA ASP A 346 -1.31 26.03 -31.11
C ASP A 346 -2.46 25.03 -30.92
N PRO A 347 -3.71 25.51 -30.67
CA PRO A 347 -4.86 24.61 -30.53
C PRO A 347 -5.09 23.72 -31.77
N ALA A 348 -4.47 24.07 -32.90
CA ALA A 348 -4.52 23.31 -34.18
C ALA A 348 -3.71 22.02 -34.06
N LEU A 349 -2.70 22.03 -33.19
CA LEU A 349 -1.77 20.91 -32.90
C LEU A 349 -0.91 20.63 -34.13
N LYS A 350 -0.60 21.67 -34.92
CA LYS A 350 0.12 21.58 -36.22
C LYS A 350 1.58 22.04 -36.07
N HIS A 351 1.87 22.97 -35.16
CA HIS A 351 3.24 23.53 -34.96
C HIS A 351 4.20 22.38 -34.63
N PRO A 352 5.36 22.24 -35.32
CA PRO A 352 6.26 21.11 -35.09
C PRO A 352 6.91 21.06 -33.68
N ARG A 353 6.81 22.14 -32.91
CA ARG A 353 7.30 22.19 -31.51
C ARG A 353 6.11 22.16 -30.54
N CYS A 354 4.89 21.87 -31.03
CA CYS A 354 3.75 21.38 -30.20
C CYS A 354 4.20 20.15 -29.42
N VAL A 355 3.90 20.10 -28.12
CA VAL A 355 4.17 18.92 -27.25
C VAL A 355 3.76 17.65 -28.01
N ILE A 356 2.52 17.62 -28.53
CA ILE A 356 1.90 16.41 -29.16
C ILE A 356 2.79 15.92 -30.31
N ASN A 357 3.31 16.81 -31.16
CA ASN A 357 4.10 16.44 -32.37
C ASN A 357 5.50 15.98 -31.96
N LEU A 358 6.08 16.58 -30.93
CA LEU A 358 7.38 16.15 -30.35
C LEU A 358 7.21 14.76 -29.71
N LEU A 359 6.03 14.51 -29.13
CA LEU A 359 5.65 13.22 -28.50
C LEU A 359 5.61 12.14 -29.59
N LYS A 360 4.88 12.41 -30.67
CA LYS A 360 4.77 11.53 -31.87
C LYS A 360 6.19 11.19 -32.37
N LYS A 361 7.05 12.20 -32.47
CA LYS A 361 8.45 12.05 -32.94
C LYS A 361 9.22 11.17 -31.95
N HIS A 362 9.17 11.49 -30.65
CA HIS A 362 9.98 10.82 -29.61
C HIS A 362 9.70 9.31 -29.60
N TYR A 363 8.43 8.90 -29.76
CA TYR A 363 7.98 7.50 -29.53
C TYR A 363 7.85 6.72 -30.84
N GLU A 364 8.31 7.28 -31.96
CA GLU A 364 8.31 6.62 -33.30
C GLU A 364 9.19 5.36 -33.24
N ARG A 365 10.26 5.39 -32.45
CA ARG A 365 11.30 4.34 -32.37
C ARG A 365 10.79 3.04 -31.70
N TYR A 366 9.64 3.09 -31.01
CA TYR A 366 9.17 1.99 -30.12
C TYR A 366 8.22 1.07 -30.89
N ASN A 367 8.68 0.52 -32.02
CA ASN A 367 7.90 -0.41 -32.89
C ASN A 367 7.73 -1.74 -32.15
N LEU A 368 6.72 -2.53 -32.53
CA LEU A 368 6.35 -3.79 -31.86
C LEU A 368 7.54 -4.76 -31.82
N ASP A 369 8.27 -4.90 -32.94
CA ASP A 369 9.39 -5.87 -33.07
C ASP A 369 10.44 -5.57 -32.00
N LYS A 370 10.87 -4.32 -31.86
CA LYS A 370 11.87 -3.92 -30.84
C LYS A 370 11.33 -4.15 -29.44
N VAL A 371 10.07 -3.77 -29.21
CA VAL A 371 9.41 -3.84 -27.86
C VAL A 371 9.27 -5.31 -27.49
N ALA A 372 8.76 -6.15 -28.41
CA ALA A 372 8.64 -7.62 -28.24
C ALA A 372 10.01 -8.21 -27.87
N ALA A 373 11.06 -7.82 -28.58
CA ALA A 373 12.43 -8.37 -28.40
C ALA A 373 12.95 -8.06 -26.98
N ILE A 374 12.72 -6.85 -26.46
CA ILE A 374 13.32 -6.42 -25.17
C ILE A 374 12.42 -6.82 -23.99
N THR A 375 11.10 -6.72 -24.12
CA THR A 375 10.12 -7.09 -23.05
C THR A 375 10.14 -8.61 -22.84
N GLY A 376 10.30 -9.37 -23.92
CA GLY A 376 10.11 -10.83 -23.94
C GLY A 376 8.67 -11.18 -24.26
N THR A 377 7.81 -10.18 -24.38
CA THR A 377 6.36 -10.33 -24.66
C THR A 377 6.17 -10.53 -26.17
N SER A 378 5.44 -11.58 -26.56
CA SER A 378 5.12 -11.90 -27.97
C SER A 378 4.48 -10.67 -28.62
N LYS A 379 4.78 -10.45 -29.90
CA LYS A 379 4.16 -9.42 -30.76
C LYS A 379 2.64 -9.56 -30.71
N GLU A 380 2.12 -10.79 -30.79
CA GLU A 380 0.66 -11.11 -30.80
C GLU A 380 0.04 -10.61 -29.48
N GLN A 381 0.74 -10.85 -28.36
CA GLN A 381 0.26 -10.48 -27.01
C GLN A 381 0.34 -8.97 -26.84
N LEU A 382 1.43 -8.33 -27.29
CA LEU A 382 1.57 -6.85 -27.26
C LEU A 382 0.38 -6.21 -28.01
N GLN A 383 0.06 -6.70 -29.20
CA GLN A 383 -1.04 -6.17 -30.05
C GLN A 383 -2.37 -6.36 -29.33
N GLN A 384 -2.59 -7.54 -28.76
CA GLN A 384 -3.83 -7.88 -28.01
C GLN A 384 -4.02 -6.86 -26.89
N VAL A 385 -2.97 -6.60 -26.10
CA VAL A 385 -3.01 -5.69 -24.92
C VAL A 385 -3.15 -4.24 -25.39
N TYR A 386 -2.32 -3.81 -26.35
CA TYR A 386 -2.37 -2.42 -26.90
C TYR A 386 -3.77 -2.15 -27.43
N LYS A 387 -4.32 -3.09 -28.21
CA LYS A 387 -5.66 -2.93 -28.83
C LYS A 387 -6.72 -2.76 -27.74
N ALA A 388 -6.72 -3.63 -26.72
CA ALA A 388 -7.75 -3.69 -25.65
C ALA A 388 -7.70 -2.40 -24.83
N TYR A 389 -6.50 -1.96 -24.45
CA TYR A 389 -6.34 -0.81 -23.54
C TYR A 389 -6.57 0.50 -24.31
N ALA A 390 -6.00 0.64 -25.50
CA ALA A 390 -6.12 1.86 -26.33
C ALA A 390 -7.58 2.07 -26.74
N ALA A 391 -8.40 1.01 -26.75
CA ALA A 391 -9.85 1.10 -27.03
C ALA A 391 -10.54 1.99 -25.98
N THR A 392 -9.91 2.28 -24.84
CA THR A 392 -10.50 3.12 -23.75
C THR A 392 -10.33 4.61 -24.09
N GLY A 393 -9.62 4.93 -25.18
CA GLY A 393 -9.59 6.28 -25.77
C GLY A 393 -10.99 6.79 -26.11
N LYS A 394 -11.93 5.88 -26.42
CA LYS A 394 -13.35 6.24 -26.70
C LYS A 394 -13.91 6.89 -25.44
N PRO A 395 -14.75 7.95 -25.57
CA PRO A 395 -15.33 8.62 -24.41
C PRO A 395 -16.23 7.70 -23.57
N ASP A 396 -16.83 6.69 -24.20
CA ASP A 396 -17.78 5.73 -23.55
C ASP A 396 -17.01 4.55 -22.92
N LYS A 397 -15.68 4.56 -22.97
CA LYS A 397 -14.84 3.51 -22.34
C LYS A 397 -13.84 4.15 -21.37
N ALA A 398 -13.60 3.46 -20.25
CA ALA A 398 -12.63 3.86 -19.20
C ALA A 398 -11.57 2.78 -19.04
N GLY A 399 -10.30 3.19 -19.10
CA GLY A 399 -9.15 2.32 -18.79
C GLY A 399 -8.49 2.77 -17.51
N THR A 400 -8.08 1.83 -16.65
CA THR A 400 -7.32 2.17 -15.43
C THR A 400 -6.06 1.32 -15.36
N ILE A 401 -5.05 1.86 -14.67
CA ILE A 401 -3.76 1.20 -14.34
C ILE A 401 -3.71 1.02 -12.83
N MET A 402 -3.41 -0.20 -12.40
CA MET A 402 -3.06 -0.49 -11.00
C MET A 402 -1.59 -0.92 -10.97
N TYR A 403 -0.76 -0.09 -10.34
CA TYR A 403 0.67 -0.41 -10.07
C TYR A 403 0.98 -0.15 -8.60
N ALA A 404 2.08 -0.73 -8.15
CA ALA A 404 2.70 -0.52 -6.81
C ALA A 404 4.22 -0.74 -6.95
N SER A 405 4.83 -1.58 -6.11
CA SER A 405 6.30 -1.64 -5.90
C SER A 405 7.03 -2.30 -7.08
N GLY A 406 6.32 -3.00 -7.97
CA GLY A 406 6.93 -3.54 -9.21
C GLY A 406 7.49 -2.44 -10.11
N TRP A 407 6.94 -1.22 -10.00
CA TRP A 407 7.40 0.01 -10.71
C TRP A 407 8.24 0.88 -9.77
N THR A 408 7.76 1.13 -8.55
CA THR A 408 8.31 2.15 -7.62
C THR A 408 9.68 1.70 -7.06
N GLN A 409 9.97 0.40 -7.00
CA GLN A 409 11.25 -0.12 -6.43
C GLN A 409 12.24 -0.43 -7.56
N HIS A 410 11.99 0.07 -8.78
CA HIS A 410 12.96 0.12 -9.91
C HIS A 410 13.47 1.56 -10.06
N SER A 411 14.71 1.70 -10.53
CA SER A 411 15.37 3.00 -10.83
C SER A 411 14.59 3.76 -11.91
N VAL A 412 13.85 3.04 -12.77
CA VAL A 412 13.02 3.62 -13.87
C VAL A 412 11.63 4.03 -13.34
N GLY A 413 11.32 3.74 -12.07
CA GLY A 413 10.00 3.97 -11.46
C GLY A 413 9.35 5.27 -11.91
N VAL A 414 10.04 6.40 -11.74
CA VAL A 414 9.49 7.75 -11.99
C VAL A 414 9.08 7.89 -13.47
N GLN A 415 9.86 7.31 -14.39
CA GLN A 415 9.60 7.41 -15.85
C GLN A 415 8.53 6.38 -16.25
N ASN A 416 8.53 5.18 -15.66
CA ASN A 416 7.44 4.18 -15.82
C ASN A 416 6.09 4.88 -15.59
N ILE A 417 5.99 5.60 -14.47
CA ILE A 417 4.74 6.22 -13.97
C ILE A 417 4.39 7.41 -14.86
N ARG A 418 5.39 8.25 -15.17
CA ARG A 418 5.23 9.36 -16.14
C ARG A 418 4.56 8.82 -17.41
N ALA A 419 5.11 7.74 -17.96
CA ALA A 419 4.68 7.12 -19.24
C ALA A 419 3.22 6.67 -19.10
N MET A 420 2.90 6.00 -18.00
CA MET A 420 1.53 5.50 -17.75
C MET A 420 0.57 6.70 -17.61
N ALA A 421 1.02 7.76 -16.95
CA ALA A 421 0.23 9.02 -16.77
C ALA A 421 -0.03 9.63 -18.14
N MET A 422 0.98 9.63 -19.01
CA MET A 422 0.87 10.18 -20.40
C MET A 422 -0.12 9.36 -21.21
N ILE A 423 -0.08 8.02 -21.07
CA ILE A 423 -1.01 7.11 -21.79
C ILE A 423 -2.44 7.45 -21.35
N GLN A 424 -2.65 7.64 -20.04
CA GLN A 424 -3.98 7.93 -19.45
C GLN A 424 -4.49 9.29 -19.94
N LEU A 425 -3.61 10.29 -20.06
CA LEU A 425 -3.99 11.62 -20.61
C LEU A 425 -4.36 11.53 -22.10
N LEU A 426 -3.66 10.69 -22.88
CA LEU A 426 -3.91 10.52 -24.33
C LEU A 426 -5.28 9.89 -24.51
N LEU A 427 -5.67 8.99 -23.61
CA LEU A 427 -6.91 8.18 -23.74
C LEU A 427 -8.06 8.86 -23.01
N GLY A 428 -7.81 10.05 -22.46
CA GLY A 428 -8.81 10.85 -21.72
C GLY A 428 -9.32 10.12 -20.49
N ASN A 429 -8.46 9.35 -19.83
CA ASN A 429 -8.85 8.44 -18.71
C ASN A 429 -8.71 9.13 -17.36
N ILE A 430 -8.10 10.32 -17.31
CA ILE A 430 -7.83 11.03 -16.03
C ILE A 430 -9.05 11.90 -15.68
N GLY A 431 -9.60 11.68 -14.48
CA GLY A 431 -10.72 12.43 -13.93
C GLY A 431 -12.04 11.72 -14.12
N VAL A 432 -12.03 10.54 -14.78
CA VAL A 432 -13.25 9.80 -15.16
C VAL A 432 -13.38 8.54 -14.29
N ALA A 433 -14.62 8.07 -14.10
CA ALA A 433 -14.93 6.84 -13.35
C ALA A 433 -14.47 5.63 -14.17
N GLY A 434 -13.79 4.69 -13.51
CA GLY A 434 -13.15 3.54 -14.16
C GLY A 434 -11.81 3.91 -14.78
N GLY A 435 -11.39 5.17 -14.68
CA GLY A 435 -10.10 5.63 -15.20
C GLY A 435 -9.06 5.76 -14.10
N GLY A 436 -8.20 6.75 -14.23
CA GLY A 436 -7.26 7.19 -13.19
C GLY A 436 -5.93 6.48 -13.29
N VAL A 437 -4.98 6.95 -12.48
CA VAL A 437 -3.74 6.22 -12.12
C VAL A 437 -3.92 5.75 -10.69
N ASN A 438 -4.17 4.46 -10.50
CA ASN A 438 -4.36 3.86 -9.16
C ASN A 438 -3.00 3.33 -8.69
N ALA A 439 -2.13 4.28 -8.31
CA ALA A 439 -0.90 4.04 -7.53
C ALA A 439 -1.32 3.47 -6.18
N LEU A 440 -1.22 2.15 -6.00
CA LEU A 440 -1.77 1.43 -4.84
C LEU A 440 -0.86 1.71 -3.63
N ARG A 441 -1.34 2.46 -2.64
CA ARG A 441 -0.59 2.72 -1.39
C ARG A 441 -0.42 1.39 -0.65
N GLY A 442 0.67 1.26 0.09
CA GLY A 442 1.01 0.04 0.85
C GLY A 442 0.31 0.00 2.20
N GLU A 443 0.93 0.61 3.21
CA GLU A 443 0.48 0.52 4.63
C GLU A 443 -0.81 1.30 4.81
N SER A 444 -1.62 0.85 5.77
CA SER A 444 -2.94 1.37 6.17
C SER A 444 -2.93 2.91 6.18
N ASN A 445 -1.87 3.55 6.65
CA ASN A 445 -1.86 5.04 6.76
C ASN A 445 -0.57 5.64 6.19
N VAL A 446 0.00 5.02 5.14
CA VAL A 446 1.18 5.58 4.41
C VAL A 446 0.74 6.86 3.72
N GLN A 447 -0.48 6.91 3.19
CA GLN A 447 -1.04 8.16 2.62
C GLN A 447 -0.99 9.24 3.71
N GLY A 448 -1.56 8.93 4.88
CA GLY A 448 -1.69 9.88 6.00
C GLY A 448 -0.35 10.30 6.54
N SER A 449 0.59 9.36 6.73
CA SER A 449 1.94 9.62 7.28
C SER A 449 2.76 10.49 6.32
N THR A 450 2.52 10.38 5.01
CA THR A 450 3.06 11.28 3.96
C THR A 450 2.39 12.66 4.10
N ASP A 451 1.05 12.68 4.15
CA ASP A 451 0.23 13.90 4.36
C ASP A 451 0.69 14.68 5.61
N GLN A 452 1.23 13.99 6.62
CA GLN A 452 1.63 14.60 7.92
C GLN A 452 3.11 15.03 7.89
N GLY A 453 3.82 14.75 6.79
CA GLY A 453 5.19 15.22 6.55
C GLY A 453 6.24 14.45 7.33
N LEU A 454 6.08 13.13 7.47
CA LEU A 454 7.11 12.25 8.08
C LEU A 454 8.13 11.84 7.02
N LEU A 455 8.43 12.75 6.08
CA LEU A 455 9.57 12.66 5.12
C LEU A 455 10.39 13.95 5.24
N ALA A 456 11.71 13.84 5.02
CA ALA A 456 12.70 14.90 5.30
C ALA A 456 12.37 16.20 4.56
N HIS A 457 11.76 16.13 3.37
CA HIS A 457 11.61 17.28 2.44
C HIS A 457 10.27 18.02 2.63
N ILE A 458 9.31 17.50 3.40
CA ILE A 458 7.96 18.14 3.51
C ILE A 458 7.52 18.31 4.97
N TRP A 459 6.82 19.41 5.21
CA TRP A 459 5.90 19.64 6.36
C TRP A 459 4.58 18.96 6.04
N PRO A 460 3.64 18.89 7.02
CA PRO A 460 2.26 18.50 6.73
C PRO A 460 1.67 19.33 5.59
N GLY A 461 0.84 18.72 4.75
CA GLY A 461 0.17 19.38 3.61
C GLY A 461 1.09 19.61 2.43
N TYR A 462 2.22 18.89 2.34
CA TYR A 462 3.19 19.01 1.22
C TYR A 462 3.64 20.46 1.04
N ASN A 463 3.83 21.16 2.15
CA ASN A 463 4.58 22.44 2.20
C ASN A 463 6.04 22.05 2.42
N PRO A 464 6.97 22.47 1.53
CA PRO A 464 8.36 22.05 1.65
C PRO A 464 8.96 22.45 3.01
N VAL A 465 9.82 21.60 3.55
CA VAL A 465 10.76 21.97 4.65
C VAL A 465 11.67 23.07 4.10
N PRO A 466 11.71 24.27 4.73
CA PRO A 466 12.60 25.34 4.28
C PRO A 466 14.06 24.89 4.15
N ASN A 467 14.76 25.42 3.14
CA ASN A 467 16.23 25.24 2.99
C ASN A 467 16.91 26.48 3.58
N SER A 468 18.24 26.46 3.67
CA SER A 468 19.05 27.46 4.44
C SER A 468 18.92 28.86 3.81
N LYS A 469 18.61 28.94 2.52
CA LYS A 469 18.50 30.22 1.77
C LYS A 469 17.12 30.84 1.94
N ALA A 470 16.12 30.12 2.48
CA ALA A 470 14.78 30.68 2.78
C ALA A 470 14.84 31.31 4.18
N ALA A 471 15.42 32.51 4.26
CA ALA A 471 15.79 33.21 5.53
C ALA A 471 14.56 33.82 6.19
N THR A 472 13.48 34.09 5.44
CA THR A 472 12.22 34.64 5.98
C THR A 472 11.03 33.87 5.41
N LEU A 473 9.89 33.98 6.09
CA LEU A 473 8.58 33.45 5.63
C LEU A 473 8.27 34.02 4.25
N GLU A 474 8.47 35.33 4.10
CA GLU A 474 8.17 36.08 2.85
CA GLU A 474 8.19 36.09 2.86
C GLU A 474 8.98 35.47 1.70
N LEU A 475 10.26 35.16 1.96
CA LEU A 475 11.15 34.50 0.97
C LEU A 475 10.65 33.08 0.69
N TYR A 476 10.23 32.35 1.73
CA TYR A 476 9.69 30.97 1.61
C TYR A 476 8.52 30.97 0.63
N ASN A 477 7.58 31.91 0.78
CA ASN A 477 6.35 32.03 -0.04
C ASN A 477 6.69 32.50 -1.47
N ALA A 478 7.86 33.12 -1.67
CA ALA A 478 8.36 33.63 -2.97
C ALA A 478 8.67 32.46 -3.94
N ALA A 479 8.98 31.27 -3.41
CA ALA A 479 9.34 30.06 -4.19
C ALA A 479 8.11 29.51 -4.92
N THR A 480 6.90 29.84 -4.47
CA THR A 480 5.62 29.36 -5.07
C THR A 480 5.43 30.06 -6.42
N PRO A 481 5.39 29.31 -7.54
CA PRO A 481 5.32 29.91 -8.88
C PRO A 481 3.91 30.42 -9.22
N GLN A 482 3.84 31.56 -9.90
CA GLN A 482 2.56 32.23 -10.28
C GLN A 482 2.28 31.92 -11.74
N SER A 483 1.04 32.15 -12.19
CA SER A 483 0.56 31.95 -13.59
C SER A 483 -0.23 33.18 -14.03
N LYS A 484 0.14 33.73 -15.19
CA LYS A 484 -0.51 34.91 -15.80
C LYS A 484 -1.76 34.46 -16.57
N ASP A 485 -1.97 33.15 -16.70
CA ASP A 485 -3.11 32.56 -17.45
C ASP A 485 -4.37 32.71 -16.59
N PRO A 486 -5.43 33.39 -17.08
CA PRO A 486 -6.62 33.64 -16.28
C PRO A 486 -7.41 32.36 -16.00
N MET A 487 -7.28 31.37 -16.88
CA MET A 487 -7.98 30.05 -16.82
C MET A 487 -7.22 29.06 -15.91
N SER A 488 -5.96 29.33 -15.54
CA SER A 488 -5.16 28.46 -14.64
C SER A 488 -5.48 28.80 -13.18
N VAL A 489 -6.20 27.94 -12.47
CA VAL A 489 -6.56 28.18 -11.04
C VAL A 489 -5.28 28.28 -10.22
N ASN A 490 -4.27 27.46 -10.53
CA ASN A 490 -2.96 27.43 -9.83
C ASN A 490 -3.18 27.53 -8.32
N TRP A 491 -3.84 26.54 -7.72
CA TRP A 491 -4.33 26.59 -6.32
C TRP A 491 -3.18 26.80 -5.32
N TRP A 492 -1.96 26.35 -5.65
CA TRP A 492 -0.78 26.49 -4.76
C TRP A 492 -0.48 27.95 -4.41
N GLN A 493 -1.02 28.93 -5.14
CA GLN A 493 -0.85 30.36 -4.77
C GLN A 493 -1.45 30.59 -3.37
N ASN A 494 -2.31 29.68 -2.88
CA ASN A 494 -2.93 29.80 -1.53
C ASN A 494 -1.96 29.32 -0.43
N ARG A 495 -0.78 28.80 -0.81
CA ARG A 495 0.20 28.21 0.14
C ARG A 495 0.42 29.10 1.36
N PRO A 496 0.63 30.43 1.21
CA PRO A 496 0.93 31.28 2.37
C PRO A 496 -0.10 31.14 3.48
N LYS A 497 -1.37 30.90 3.14
CA LYS A 497 -2.48 30.75 4.12
C LYS A 497 -2.31 29.42 4.88
N TYR A 498 -1.74 28.43 4.23
CA TYR A 498 -1.58 27.04 4.76
C TYR A 498 -0.36 27.02 5.68
N VAL A 499 0.76 27.59 5.23
CA VAL A 499 2.02 27.69 6.02
C VAL A 499 1.77 28.57 7.25
N ALA A 500 1.12 29.72 7.08
CA ALA A 500 0.75 30.61 8.20
C ALA A 500 -0.08 29.82 9.21
N SER A 501 -1.20 29.25 8.76
CA SER A 501 -2.18 28.52 9.62
C SER A 501 -1.51 27.32 10.30
N TYR A 502 -0.53 26.71 9.65
CA TYR A 502 0.27 25.59 10.19
C TYR A 502 1.17 26.06 11.34
N LEU A 503 1.78 27.24 11.19
CA LEU A 503 2.65 27.87 12.22
C LEU A 503 1.79 28.37 13.39
N LYS A 504 0.55 28.77 13.13
CA LYS A 504 -0.42 29.23 14.17
C LYS A 504 -1.08 28.05 14.87
N ALA A 505 -0.87 26.81 14.40
CA ALA A 505 -1.31 25.58 15.08
C ALA A 505 -0.22 25.13 16.07
N LEU A 506 1.05 25.23 15.67
CA LEU A 506 2.24 24.86 16.50
C LEU A 506 2.52 25.93 17.54
N TYR A 507 2.34 27.21 17.18
CA TYR A 507 2.74 28.40 17.97
C TYR A 507 1.67 29.48 17.84
N PRO A 508 0.53 29.34 18.53
CA PRO A 508 -0.63 30.20 18.30
C PRO A 508 -0.54 31.63 18.86
N ASP A 509 0.44 31.87 19.73
CA ASP A 509 0.68 33.19 20.38
C ASP A 509 1.67 34.00 19.54
N GLU A 510 2.57 33.31 18.81
CA GLU A 510 3.63 33.91 17.96
C GLU A 510 3.05 34.36 16.61
N GLU A 511 3.66 35.40 16.02
CA GLU A 511 3.46 35.79 14.60
C GLU A 511 4.02 34.68 13.72
N PRO A 512 3.34 34.29 12.62
CA PRO A 512 3.90 33.31 11.69
C PRO A 512 5.38 33.58 11.36
N ALA A 513 5.73 34.82 11.01
CA ALA A 513 7.07 35.24 10.55
C ALA A 513 8.12 34.98 11.65
N ALA A 514 7.75 35.13 12.92
CA ALA A 514 8.62 34.81 14.08
C ALA A 514 8.66 33.29 14.29
N ALA A 515 7.48 32.65 14.33
CA ALA A 515 7.31 31.18 14.48
C ALA A 515 8.18 30.45 13.45
N TYR A 516 8.26 31.00 12.23
CA TYR A 516 9.02 30.43 11.08
C TYR A 516 10.46 30.06 11.49
N ASP A 517 11.07 30.80 12.42
CA ASP A 517 12.49 30.62 12.81
C ASP A 517 12.67 29.42 13.75
N TYR A 518 11.58 28.95 14.40
CA TYR A 518 11.61 27.85 15.40
C TYR A 518 11.93 26.50 14.74
N LEU A 519 11.44 26.30 13.51
CA LEU A 519 11.50 25.01 12.77
C LEU A 519 12.83 24.90 12.05
N PRO A 520 13.44 23.69 11.99
CA PRO A 520 14.75 23.50 11.37
C PRO A 520 14.72 23.63 9.85
N ARG A 521 15.89 23.80 9.23
CA ARG A 521 16.06 23.98 7.77
C ARG A 521 17.17 23.06 7.27
N ILE A 522 17.00 22.56 6.05
CA ILE A 522 18.02 21.74 5.34
C ILE A 522 18.97 22.70 4.61
N ASP A 523 20.15 22.21 4.20
CA ASP A 523 21.19 23.00 3.48
C ASP A 523 20.80 23.12 2.00
N ALA A 524 20.64 24.35 1.51
CA ALA A 524 20.31 24.68 0.11
C ALA A 524 21.33 24.03 -0.83
N GLY A 525 22.61 23.98 -0.42
CA GLY A 525 23.72 23.44 -1.22
C GLY A 525 23.61 21.94 -1.44
N ARG A 526 23.22 21.20 -0.40
CA ARG A 526 23.36 19.71 -0.36
C ARG A 526 22.27 19.04 -1.21
N LYS A 527 22.64 17.94 -1.86
CA LYS A 527 21.72 17.05 -2.62
C LYS A 527 20.58 16.62 -1.69
N LEU A 528 19.33 16.77 -2.13
CA LEU A 528 18.12 16.59 -1.28
C LEU A 528 18.10 15.19 -0.68
N THR A 529 18.59 14.18 -1.41
CA THR A 529 18.53 12.74 -1.03
C THR A 529 19.51 12.45 0.13
N ASP A 530 20.43 13.37 0.43
CA ASP A 530 21.39 13.25 1.57
C ASP A 530 20.62 13.15 2.89
N TYR A 531 19.38 13.63 2.94
CA TYR A 531 18.50 13.64 4.14
C TYR A 531 17.58 12.41 4.18
N PHE A 532 17.72 11.48 3.23
CA PHE A 532 16.74 10.38 2.99
C PHE A 532 17.29 9.03 3.47
N TRP A 533 16.35 8.10 3.66
CA TRP A 533 16.51 6.72 4.19
C TRP A 533 17.88 6.12 3.83
N LEU A 534 18.24 6.15 2.55
CA LEU A 534 19.46 5.52 1.99
C LEU A 534 20.69 6.07 2.71
N ASN A 535 20.83 7.39 2.66
CA ASN A 535 21.99 8.12 3.22
C ASN A 535 21.99 7.99 4.75
N ILE A 536 20.80 7.92 5.37
CA ILE A 536 20.69 7.83 6.87
C ILE A 536 21.47 6.60 7.35
N PHE A 537 21.38 5.47 6.63
CA PHE A 537 22.10 4.22 6.95
C PHE A 537 23.58 4.34 6.62
N GLU A 538 23.90 4.99 5.48
CA GLU A 538 25.28 5.32 5.06
C GLU A 538 25.95 6.09 6.20
N LYS A 539 25.33 7.19 6.63
CA LYS A 539 25.80 8.11 7.70
C LYS A 539 25.95 7.35 9.03
N MET A 540 24.92 6.57 9.41
CA MET A 540 24.91 5.72 10.63
C MET A 540 26.12 4.78 10.62
N ASP A 541 26.46 4.23 9.44
CA ASP A 541 27.58 3.29 9.23
C ASP A 541 28.94 4.02 9.26
N LYS A 542 28.93 5.35 9.19
CA LYS A 542 30.11 6.24 9.45
C LYS A 542 30.07 6.72 10.90
N GLY A 543 29.05 6.32 11.67
CA GLY A 543 28.87 6.70 13.08
C GLY A 543 28.55 8.18 13.25
N GLU A 544 27.85 8.79 12.28
CA GLU A 544 27.50 10.24 12.29
C GLU A 544 26.16 10.46 13.01
N PHE A 545 25.55 9.40 13.55
CA PHE A 545 24.30 9.45 14.33
C PHE A 545 24.54 8.85 15.72
N LYS A 546 24.15 9.58 16.77
CA LYS A 546 24.24 9.13 18.19
C LYS A 546 22.95 8.39 18.57
N GLY A 547 21.79 8.95 18.18
CA GLY A 547 20.46 8.41 18.46
C GLY A 547 19.69 8.00 17.21
N LEU A 548 18.83 6.99 17.33
CA LEU A 548 17.82 6.59 16.32
C LEU A 548 16.49 6.32 17.00
N PHE A 549 15.41 6.94 16.50
CA PHE A 549 14.00 6.51 16.73
C PHE A 549 13.60 5.53 15.63
N ALA A 550 13.55 4.24 15.96
CA ALA A 550 12.89 3.19 15.16
C ALA A 550 11.46 3.05 15.67
N TRP A 551 10.58 3.95 15.20
CA TRP A 551 9.21 4.14 15.72
C TRP A 551 8.22 3.47 14.77
N GLY A 552 7.83 2.22 15.06
CA GLY A 552 6.89 1.44 14.25
C GLY A 552 7.44 1.10 12.89
N MET A 553 8.74 0.78 12.82
CA MET A 553 9.44 0.21 11.64
C MET A 553 10.43 -0.85 12.13
N ASN A 554 10.88 -1.72 11.23
CA ASN A 554 11.83 -2.84 11.53
C ASN A 554 13.03 -2.73 10.58
N PRO A 555 13.85 -1.66 10.72
CA PRO A 555 15.01 -1.43 9.85
C PRO A 555 15.96 -2.61 9.64
N ALA A 556 16.19 -3.39 10.71
CA ALA A 556 17.05 -4.58 10.75
C ALA A 556 16.58 -5.63 9.74
N CYS A 557 15.31 -5.58 9.33
CA CYS A 557 14.74 -6.44 8.25
C CYS A 557 14.27 -5.62 7.04
N GLY A 558 13.80 -4.38 7.26
CA GLY A 558 13.20 -3.55 6.21
C GLY A 558 14.23 -2.96 5.27
N GLY A 559 15.40 -2.57 5.77
CA GLY A 559 16.44 -1.89 4.97
C GLY A 559 17.15 -2.85 4.03
N ALA A 560 17.36 -2.45 2.78
CA ALA A 560 18.23 -3.17 1.83
C ALA A 560 19.61 -3.36 2.47
N ASN A 561 20.25 -4.51 2.23
CA ASN A 561 21.59 -4.86 2.79
C ASN A 561 21.53 -4.87 4.33
N ALA A 562 20.83 -5.86 4.90
CA ALA A 562 20.53 -5.98 6.35
C ALA A 562 21.83 -6.16 7.15
N ASN A 563 22.83 -6.85 6.59
CA ASN A 563 24.14 -7.11 7.24
C ASN A 563 24.86 -5.80 7.54
N LYS A 564 24.94 -4.92 6.54
CA LYS A 564 25.49 -3.55 6.71
C LYS A 564 24.68 -2.80 7.77
N ASN A 565 23.35 -2.87 7.73
CA ASN A 565 22.44 -2.06 8.60
C ASN A 565 22.48 -2.54 10.05
N ARG A 566 22.54 -3.86 10.29
CA ARG A 566 22.63 -4.45 11.66
C ARG A 566 23.99 -4.12 12.28
N LYS A 567 25.06 -4.08 11.47
CA LYS A 567 26.42 -3.65 11.90
C LYS A 567 26.40 -2.14 12.16
N ALA A 568 25.79 -1.36 11.27
CA ALA A 568 25.67 0.11 11.35
C ALA A 568 25.00 0.53 12.66
N MET A 569 24.02 -0.23 13.13
CA MET A 569 23.20 0.13 14.32
C MET A 569 24.04 -0.01 15.59
N GLY A 570 25.01 -0.94 15.61
CA GLY A 570 26.05 -1.01 16.66
C GLY A 570 26.68 0.34 16.92
N LYS A 571 27.03 1.06 15.85
CA LYS A 571 27.74 2.37 15.91
C LYS A 571 26.79 3.47 16.40
N LEU A 572 25.54 3.14 16.75
CA LEU A 572 24.65 4.04 17.53
C LEU A 572 25.10 4.01 18.98
N GLU A 573 24.83 5.09 19.72
CA GLU A 573 24.98 5.13 21.21
C GLU A 573 23.67 4.67 21.84
N TRP A 574 22.53 5.22 21.39
CA TRP A 574 21.18 4.84 21.87
C TRP A 574 20.19 4.64 20.71
N LEU A 575 19.11 3.90 21.02
CA LEU A 575 18.05 3.44 20.08
C LEU A 575 16.73 3.34 20.84
N VAL A 576 15.73 4.14 20.46
CA VAL A 576 14.33 4.05 20.98
C VAL A 576 13.47 3.32 19.95
N ASN A 577 13.13 2.05 20.22
CA ASN A 577 12.26 1.19 19.38
C ASN A 577 10.87 1.17 20.02
N VAL A 578 9.89 1.77 19.35
CA VAL A 578 8.45 1.70 19.71
C VAL A 578 7.77 0.71 18.75
N ASN A 579 7.17 -0.35 19.28
CA ASN A 579 6.48 -1.38 18.47
C ASN A 579 5.58 -2.23 19.37
N LEU A 580 5.04 -3.33 18.83
CA LEU A 580 4.02 -4.20 19.47
C LEU A 580 4.71 -5.39 20.15
N PHE A 581 5.81 -5.84 19.54
CA PHE A 581 6.58 -7.06 19.89
C PHE A 581 8.06 -6.72 19.95
N GLU A 582 8.82 -7.47 20.75
CA GLU A 582 10.29 -7.60 20.62
C GLU A 582 10.55 -8.08 19.19
N ASN A 583 11.64 -7.62 18.56
CA ASN A 583 11.85 -7.80 17.10
C ASN A 583 13.35 -7.74 16.75
N GLU A 584 13.67 -7.93 15.47
CA GLU A 584 15.06 -7.97 14.92
C GLU A 584 15.74 -6.61 15.12
N THR A 585 14.99 -5.52 15.24
CA THR A 585 15.55 -4.15 15.39
C THR A 585 15.89 -3.93 16.88
N SER A 586 14.92 -4.06 17.79
CA SER A 586 15.12 -3.87 19.25
C SER A 586 16.24 -4.78 19.78
N SER A 587 16.44 -5.94 19.15
CA SER A 587 17.33 -7.04 19.62
C SER A 587 18.41 -7.36 18.59
N PHE A 588 18.87 -6.37 17.80
CA PHE A 588 19.90 -6.54 16.75
C PHE A 588 21.23 -7.00 17.36
N TRP A 589 21.47 -6.57 18.61
CA TRP A 589 22.71 -6.83 19.38
C TRP A 589 22.89 -8.32 19.68
N LYS A 590 21.80 -9.11 19.73
CA LYS A 590 21.85 -10.58 19.92
C LYS A 590 21.40 -11.29 18.64
N GLY A 591 21.71 -10.71 17.47
CA GLY A 591 21.34 -11.27 16.16
C GLY A 591 22.42 -12.23 15.63
N PRO A 592 22.18 -12.85 14.45
CA PRO A 592 23.15 -13.77 13.85
C PRO A 592 24.58 -13.20 13.72
N GLY A 593 25.54 -13.87 14.39
CA GLY A 593 26.98 -13.53 14.37
C GLY A 593 27.27 -12.20 15.05
N MET A 594 26.40 -11.76 15.96
CA MET A 594 26.58 -10.54 16.79
C MET A 594 27.05 -10.98 18.17
N ASN A 595 28.00 -10.24 18.76
CA ASN A 595 28.47 -10.45 20.15
C ASN A 595 28.01 -9.27 21.00
N PRO A 596 26.96 -9.44 21.83
CA PRO A 596 26.41 -8.35 22.63
C PRO A 596 27.43 -7.58 23.50
N ALA A 597 28.45 -8.28 24.01
CA ALA A 597 29.51 -7.73 24.89
C ALA A 597 30.31 -6.65 24.14
N GLU A 598 30.47 -6.79 22.82
CA GLU A 598 31.21 -5.83 21.94
C GLU A 598 30.35 -4.61 21.58
N ILE A 599 29.04 -4.79 21.48
CA ILE A 599 28.07 -3.77 21.00
C ILE A 599 27.62 -2.92 22.19
N GLY A 600 27.93 -1.62 22.19
CA GLY A 600 27.70 -0.70 23.31
C GLY A 600 26.41 0.11 23.20
N THR A 601 25.63 -0.12 22.13
CA THR A 601 24.37 0.61 21.85
C THR A 601 23.40 0.47 23.04
N GLU A 602 22.87 1.59 23.53
CA GLU A 602 21.79 1.65 24.53
C GLU A 602 20.46 1.48 23.79
N VAL A 603 19.50 0.71 24.33
CA VAL A 603 18.24 0.35 23.61
C VAL A 603 17.04 0.35 24.57
N PHE A 604 16.08 1.23 24.32
CA PHE A 604 14.75 1.30 24.99
C PHE A 604 13.69 0.73 24.05
N PHE A 605 13.18 -0.47 24.35
CA PHE A 605 11.97 -1.03 23.71
C PHE A 605 10.72 -0.56 24.46
N LEU A 606 9.91 0.30 23.85
CA LEU A 606 8.64 0.81 24.41
C LEU A 606 7.47 0.14 23.68
N PRO A 607 6.67 -0.72 24.36
CA PRO A 607 5.55 -1.40 23.70
C PRO A 607 4.32 -0.50 23.49
N CYS A 608 3.90 -0.31 22.22
CA CYS A 608 2.65 0.41 21.86
C CYS A 608 1.48 -0.59 21.81
N CYS A 609 0.24 -0.09 21.80
CA CYS A 609 -0.98 -0.92 21.68
C CYS A 609 -1.35 -1.10 20.20
N VAL A 610 -2.09 -2.17 19.89
CA VAL A 610 -2.60 -2.46 18.53
C VAL A 610 -3.68 -1.42 18.17
N SER A 611 -4.07 -1.40 16.90
CA SER A 611 -5.04 -0.44 16.30
C SER A 611 -6.42 -0.52 16.98
N ILE A 612 -6.82 -1.72 17.41
CA ILE A 612 -8.17 -1.92 18.01
C ILE A 612 -8.19 -1.46 19.47
N GLU A 613 -7.04 -1.14 20.07
CA GLU A 613 -6.98 -0.66 21.46
C GLU A 613 -6.92 0.88 21.51
N LYS A 614 -7.06 1.57 20.38
CA LYS A 614 -7.01 3.06 20.37
C LYS A 614 -7.99 3.62 19.34
N GLU A 615 -8.39 4.87 19.60
CA GLU A 615 -9.25 5.70 18.73
C GLU A 615 -8.33 6.51 17.80
N GLY A 616 -8.86 6.93 16.64
CA GLY A 616 -8.10 7.75 15.68
C GLY A 616 -8.50 7.44 14.25
N SER A 617 -7.75 7.98 13.30
CA SER A 617 -8.07 7.95 11.85
C SER A 617 -6.88 7.41 11.08
N VAL A 618 -7.16 6.77 9.96
CA VAL A 618 -6.15 6.32 8.97
C VAL A 618 -6.67 6.69 7.58
N ALA A 619 -5.76 7.14 6.71
CA ALA A 619 -6.04 7.63 5.35
C ALA A 619 -5.64 6.53 4.37
N ASN A 620 -6.63 5.91 3.72
CA ASN A 620 -6.43 4.76 2.81
C ASN A 620 -5.93 5.30 1.48
N SER A 621 -5.69 4.41 0.52
CA SER A 621 -5.07 4.74 -0.80
C SER A 621 -5.95 5.74 -1.56
N GLY A 622 -7.27 5.63 -1.42
CA GLY A 622 -8.24 6.52 -2.07
C GLY A 622 -8.41 7.84 -1.36
N ARG A 623 -7.61 8.10 -0.31
CA ARG A 623 -7.60 9.35 0.49
C ARG A 623 -8.78 9.39 1.46
N TRP A 624 -9.46 8.26 1.69
CA TRP A 624 -10.57 8.15 2.68
C TRP A 624 -9.95 8.14 4.08
N MET A 625 -10.25 9.20 4.83
CA MET A 625 -9.78 9.41 6.22
C MET A 625 -10.86 8.83 7.13
N GLN A 626 -10.60 7.64 7.65
CA GLN A 626 -11.63 6.80 8.32
C GLN A 626 -11.34 6.76 9.81
N TRP A 627 -12.37 7.10 10.60
CA TRP A 627 -12.31 7.13 12.08
C TRP A 627 -12.57 5.73 12.62
N ARG A 628 -11.74 5.29 13.55
CA ARG A 628 -11.93 3.98 14.23
C ARG A 628 -11.86 4.18 15.74
N TYR A 629 -12.42 3.22 16.48
CA TYR A 629 -12.63 3.31 17.94
C TYR A 629 -11.85 2.21 18.67
N ARG A 630 -11.65 2.44 19.96
CA ARG A 630 -11.15 1.45 20.94
C ARG A 630 -12.21 0.36 21.11
N GLY A 631 -11.80 -0.91 21.02
CA GLY A 631 -12.54 -2.06 21.56
C GLY A 631 -12.03 -2.33 22.96
N PRO A 632 -11.05 -3.26 23.11
CA PRO A 632 -10.41 -3.49 24.40
C PRO A 632 -9.43 -2.35 24.71
N LYS A 633 -9.21 -2.06 25.99
CA LYS A 633 -8.25 -1.04 26.44
C LYS A 633 -6.85 -1.62 26.22
N PRO A 634 -5.80 -0.76 26.10
CA PRO A 634 -4.45 -1.25 25.84
C PRO A 634 -4.09 -2.46 26.71
N TYR A 635 -3.58 -3.51 26.07
CA TYR A 635 -3.06 -4.73 26.73
C TYR A 635 -1.99 -4.33 27.74
N ALA A 636 -1.88 -5.06 28.86
CA ALA A 636 -0.87 -4.87 29.92
C ALA A 636 -0.62 -3.38 30.15
N GLU A 637 0.64 -2.92 30.06
CA GLU A 637 1.01 -1.49 30.24
C GLU A 637 1.37 -0.83 28.89
N THR A 638 1.04 -1.47 27.75
CA THR A 638 1.21 -0.89 26.40
C THR A 638 0.40 0.41 26.32
N LYS A 639 0.85 1.35 25.49
CA LYS A 639 0.23 2.70 25.34
C LYS A 639 0.01 3.00 23.87
N PRO A 640 -1.03 3.79 23.51
CA PRO A 640 -1.12 4.38 22.18
C PRO A 640 0.18 5.16 21.89
N ASP A 641 0.62 5.23 20.63
CA ASP A 641 1.87 5.96 20.26
C ASP A 641 1.71 7.43 20.68
N GLY A 642 0.49 7.96 20.57
CA GLY A 642 0.15 9.34 20.95
C GLY A 642 0.63 9.67 22.35
N ASP A 643 0.34 8.78 23.32
CA ASP A 643 0.70 8.96 24.75
C ASP A 643 2.22 8.79 24.92
N ILE A 644 2.83 7.81 24.23
CA ILE A 644 4.28 7.51 24.36
C ILE A 644 5.11 8.74 23.97
N MET A 645 4.80 9.35 22.83
CA MET A 645 5.59 10.47 22.24
C MET A 645 5.30 11.76 23.01
N LEU A 646 4.04 12.01 23.39
CA LEU A 646 3.64 13.23 24.16
C LEU A 646 4.31 13.21 25.54
N ASP A 647 4.10 12.14 26.31
CA ASP A 647 4.75 11.93 27.63
C ASP A 647 6.27 12.07 27.46
N MET A 648 6.86 11.42 26.47
CA MET A 648 8.32 11.49 26.19
C MET A 648 8.75 12.95 25.94
N PHE A 649 7.93 13.71 25.20
CA PHE A 649 8.21 15.11 24.81
C PHE A 649 8.20 15.97 26.07
N LYS A 650 7.09 15.91 26.82
CA LYS A 650 6.87 16.66 28.09
C LYS A 650 8.06 16.49 29.04
N LYS A 651 8.70 15.32 29.05
CA LYS A 651 9.87 15.03 29.92
C LYS A 651 11.11 15.74 29.38
N VAL A 652 11.27 15.82 28.05
CA VAL A 652 12.26 16.72 27.40
C VAL A 652 11.90 18.17 27.77
N ARG A 653 10.62 18.55 27.66
CA ARG A 653 10.14 19.95 27.83
C ARG A 653 10.43 20.45 29.25
N GLU A 654 10.10 19.65 30.27
CA GLU A 654 10.29 19.99 31.71
C GLU A 654 11.79 19.99 32.03
N LEU A 655 12.55 19.03 31.52
CA LEU A 655 14.03 18.92 31.75
C LEU A 655 14.77 20.15 31.19
N TYR A 656 14.31 20.70 30.07
CA TYR A 656 14.87 21.94 29.43
C TYR A 656 14.49 23.16 30.27
N ALA A 657 13.35 23.14 30.96
CA ALA A 657 12.84 24.28 31.77
C ALA A 657 13.60 24.38 33.10
N LYS A 658 14.19 23.29 33.58
CA LYS A 658 14.93 23.21 34.87
C LYS A 658 16.44 23.36 34.64
N GLU A 659 16.95 22.90 33.49
CA GLU A 659 18.40 22.84 33.20
C GLU A 659 18.81 23.81 32.08
N GLY A 660 17.86 24.41 31.36
CA GLY A 660 18.14 25.13 30.09
C GLY A 660 18.84 24.22 29.09
N GLY A 661 19.59 24.79 28.14
CA GLY A 661 20.33 24.07 27.10
C GLY A 661 20.13 24.72 25.75
N ALA A 662 20.74 24.16 24.69
CA ALA A 662 20.67 24.66 23.30
C ALA A 662 19.25 25.11 22.94
N TYR A 663 19.15 26.24 22.21
CA TYR A 663 17.91 26.88 21.67
C TYR A 663 16.66 26.29 22.29
N PRO A 664 16.29 26.71 23.54
CA PRO A 664 15.10 26.18 24.20
C PRO A 664 13.76 26.51 23.53
N ALA A 665 13.67 27.64 22.82
CA ALA A 665 12.41 28.27 22.37
C ALA A 665 11.41 27.27 21.80
N PRO A 666 11.73 26.51 20.72
CA PRO A 666 10.70 25.76 19.98
C PRO A 666 9.98 24.74 20.87
N ILE A 667 10.74 24.13 21.80
CA ILE A 667 10.26 23.06 22.72
C ILE A 667 9.24 23.64 23.69
N ALA A 668 9.57 24.75 24.36
CA ALA A 668 8.76 25.38 25.43
C ALA A 668 7.46 25.96 24.86
N LYS A 669 7.51 26.46 23.63
CA LYS A 669 6.43 27.26 23.00
C LYS A 669 5.43 26.35 22.29
N LEU A 670 5.86 25.16 21.86
CA LEU A 670 5.01 24.21 21.10
C LEU A 670 3.70 23.99 21.86
N ASN A 671 2.57 24.22 21.18
CA ASN A 671 1.20 24.13 21.75
C ASN A 671 0.79 22.66 21.77
N ILE A 672 0.97 21.99 22.92
CA ILE A 672 0.58 20.56 23.18
C ILE A 672 -0.66 20.50 24.08
N ALA A 673 -1.18 21.65 24.53
CA ALA A 673 -2.44 21.74 25.31
C ALA A 673 -3.61 21.25 24.43
N ASP A 674 -3.59 21.59 23.14
CA ASP A 674 -4.64 21.25 22.14
C ASP A 674 -4.63 19.74 21.84
N TRP A 675 -3.59 19.02 22.25
CA TRP A 675 -3.37 17.58 21.96
C TRP A 675 -3.94 16.71 23.09
N GLU A 676 -4.38 17.32 24.20
CA GLU A 676 -4.59 16.61 25.49
C GLU A 676 -6.03 16.81 26.00
N GLU A 677 -6.52 15.81 26.73
CA GLU A 677 -7.83 15.79 27.45
C GLU A 677 -7.70 14.73 28.54
N HIS A 678 -8.16 15.02 29.76
CA HIS A 678 -8.18 14.08 30.90
C HIS A 678 -6.81 13.41 31.04
N ASN A 679 -5.71 14.17 30.99
CA ASN A 679 -4.31 13.74 31.30
C ASN A 679 -3.73 12.78 30.25
N GLU A 680 -4.26 12.73 29.02
CA GLU A 680 -3.75 11.83 27.96
C GLU A 680 -4.04 12.36 26.54
N PHE A 681 -3.36 11.76 25.56
CA PHE A 681 -3.43 12.12 24.11
C PHE A 681 -4.90 12.02 23.66
N SER A 682 -5.44 13.09 23.07
CA SER A 682 -6.83 13.18 22.54
C SER A 682 -6.81 13.16 21.01
N PRO A 683 -7.14 12.01 20.38
CA PRO A 683 -7.26 11.96 18.92
C PRO A 683 -8.25 13.00 18.39
N THR A 684 -9.38 13.15 19.08
CA THR A 684 -10.50 14.05 18.68
C THR A 684 -10.00 15.50 18.63
N LYS A 685 -9.16 15.90 19.58
CA LYS A 685 -8.74 17.33 19.71
C LYS A 685 -7.60 17.60 18.74
N VAL A 686 -6.65 16.67 18.60
CA VAL A 686 -5.56 16.72 17.59
C VAL A 686 -6.20 16.82 16.20
N ALA A 687 -7.20 15.99 15.91
CA ALA A 687 -7.90 15.94 14.61
C ALA A 687 -8.60 17.27 14.34
N LYS A 688 -9.13 17.91 15.39
CA LYS A 688 -9.81 19.21 15.28
C LYS A 688 -8.76 20.30 15.00
N LEU A 689 -7.59 20.21 15.63
CA LEU A 689 -6.45 21.15 15.42
C LEU A 689 -5.89 20.96 14.01
N MET A 690 -5.81 19.72 13.53
CA MET A 690 -5.36 19.37 12.16
C MET A 690 -6.35 19.97 11.14
N ASN A 691 -7.65 19.80 11.35
CA ASN A 691 -8.69 20.51 10.56
C ASN A 691 -8.40 22.02 10.67
N GLY A 692 -8.36 22.52 11.90
CA GLY A 692 -8.07 23.93 12.21
C GLY A 692 -9.31 24.69 12.67
N TYR A 693 -9.10 25.76 13.44
CA TYR A 693 -10.17 26.67 13.93
C TYR A 693 -9.70 28.12 13.82
N PHE A 694 -10.66 29.04 13.84
CA PHE A 694 -10.43 30.51 13.87
C PHE A 694 -9.88 30.90 15.25
N LEU A 695 -8.73 31.58 15.27
CA LEU A 695 -8.06 32.08 16.51
C LEU A 695 -8.71 33.39 16.98
N LYS A 696 -9.68 33.93 16.23
CA LYS A 696 -10.45 35.16 16.56
C LYS A 696 -11.46 35.42 15.46
N ASP A 697 -12.45 36.28 15.70
CA ASP A 697 -13.50 36.65 14.72
C ASP A 697 -12.83 37.06 13.41
N THR A 698 -13.37 36.61 12.27
CA THR A 698 -12.78 36.83 10.94
C THR A 698 -13.88 36.77 9.87
N GLU A 699 -13.76 37.63 8.87
CA GLU A 699 -14.51 37.59 7.59
C GLU A 699 -13.57 37.02 6.52
N VAL A 700 -13.96 35.89 5.91
CA VAL A 700 -13.20 35.21 4.82
C VAL A 700 -14.20 34.78 3.74
N GLY A 701 -13.84 34.98 2.47
CA GLY A 701 -14.70 34.68 1.30
C GLY A 701 -16.10 35.29 1.45
N GLY A 702 -16.18 36.49 2.04
CA GLY A 702 -17.44 37.20 2.32
C GLY A 702 -18.39 36.36 3.15
N LYS A 703 -17.93 35.87 4.31
CA LYS A 703 -18.75 35.16 5.33
C LYS A 703 -18.15 35.46 6.71
N GLN A 704 -19.00 35.59 7.73
CA GLN A 704 -18.57 35.92 9.11
C GLN A 704 -18.34 34.63 9.90
N PHE A 705 -17.19 34.53 10.59
CA PHE A 705 -16.78 33.35 11.38
C PHE A 705 -16.36 33.81 12.79
N LYS A 706 -16.82 33.07 13.81
CA LYS A 706 -16.60 33.34 15.25
C LYS A 706 -15.25 32.77 15.70
N LYS A 707 -14.73 33.26 16.82
CA LYS A 707 -13.49 32.75 17.49
C LYS A 707 -13.74 31.33 18.00
N GLY A 708 -12.74 30.44 17.91
CA GLY A 708 -12.76 29.06 18.46
C GLY A 708 -13.53 28.07 17.59
N GLN A 709 -14.35 28.59 16.66
CA GLN A 709 -15.16 27.83 15.66
C GLN A 709 -14.22 27.11 14.67
N GLN A 710 -14.67 25.97 14.13
CA GLN A 710 -13.90 25.10 13.21
C GLN A 710 -13.91 25.69 11.80
N VAL A 711 -12.74 25.72 11.15
CA VAL A 711 -12.59 26.09 9.71
C VAL A 711 -13.33 25.03 8.90
N PRO A 712 -14.36 25.41 8.09
CA PRO A 712 -15.17 24.45 7.34
C PRO A 712 -14.53 23.87 6.06
N SER A 713 -13.45 24.50 5.58
CA SER A 713 -12.61 24.03 4.44
C SER A 713 -11.38 24.94 4.32
N PHE A 714 -10.34 24.48 3.62
CA PHE A 714 -9.06 25.22 3.46
C PHE A 714 -9.25 26.49 2.62
N ALA A 715 -10.40 26.62 1.94
CA ALA A 715 -10.79 27.82 1.16
C ALA A 715 -10.88 29.05 2.08
N PHE A 716 -11.19 28.85 3.37
CA PHE A 716 -11.42 29.95 4.35
C PHE A 716 -10.23 30.07 5.32
N LEU A 717 -9.08 29.48 5.00
CA LEU A 717 -7.83 29.73 5.76
C LEU A 717 -7.24 31.07 5.34
N THR A 718 -6.41 31.68 6.18
CA THR A 718 -5.79 33.02 5.96
C THR A 718 -4.30 32.94 6.29
N ALA A 719 -3.53 33.93 5.81
CA ALA A 719 -2.07 34.06 6.02
C ALA A 719 -1.78 35.12 7.10
N ASP A 720 -2.81 35.74 7.68
CA ASP A 720 -2.72 36.91 8.59
C ASP A 720 -2.85 36.49 10.06
N GLY A 721 -2.99 35.19 10.34
CA GLY A 721 -2.97 34.63 11.70
C GLY A 721 -4.35 34.43 12.30
N SER A 722 -5.42 34.81 11.59
CA SER A 722 -6.85 34.63 12.01
C SER A 722 -7.24 33.15 12.12
N THR A 723 -6.54 32.26 11.41
CA THR A 723 -6.80 30.79 11.38
C THR A 723 -5.56 30.03 11.83
N CYS A 724 -5.76 28.88 12.48
CA CYS A 724 -4.79 27.77 12.57
C CYS A 724 -5.35 26.59 11.77
N SER A 725 -4.46 25.70 11.33
CA SER A 725 -4.75 24.38 10.74
C SER A 725 -3.44 23.59 10.71
N GLY A 726 -3.40 22.46 11.42
CA GLY A 726 -2.23 21.55 11.42
C GLY A 726 -1.91 21.04 10.03
N ASN A 727 -2.92 20.84 9.20
CA ASN A 727 -2.82 20.31 7.81
C ASN A 727 -3.96 20.88 6.97
N TRP A 728 -3.65 21.71 5.98
CA TRP A 728 -4.69 22.40 5.18
C TRP A 728 -5.55 21.36 4.45
N LEU A 729 -4.95 20.21 4.10
CA LEU A 729 -5.69 19.08 3.48
C LEU A 729 -6.81 18.61 4.42
N HIS A 730 -6.62 18.76 5.73
CA HIS A 730 -7.55 18.28 6.78
C HIS A 730 -8.66 19.29 7.05
N ALA A 731 -8.52 20.53 6.56
CA ALA A 731 -9.57 21.57 6.66
C ALA A 731 -10.80 21.13 5.89
N GLY A 732 -11.86 20.74 6.60
CA GLY A 732 -13.09 20.17 6.04
C GLY A 732 -13.40 18.79 6.63
N SER A 733 -12.44 18.18 7.34
CA SER A 733 -12.49 16.79 7.85
C SER A 733 -13.22 16.70 9.19
N PHE A 734 -13.25 17.81 9.94
CA PHE A 734 -13.86 17.92 11.29
C PHE A 734 -14.34 19.36 11.48
N THR A 735 -15.54 19.66 10.96
CA THR A 735 -16.13 21.01 10.93
C THR A 735 -16.93 21.23 12.21
N ASP A 736 -17.76 22.27 12.25
CA ASP A 736 -18.80 22.47 13.28
C ASP A 736 -19.89 21.42 13.10
N ALA A 737 -20.17 21.03 11.84
CA ALA A 737 -21.13 19.95 11.50
C ALA A 737 -20.72 18.64 12.20
N GLY A 738 -19.44 18.48 12.57
CA GLY A 738 -18.94 17.32 13.34
C GLY A 738 -17.76 16.63 12.68
N ASN A 739 -17.42 15.43 13.15
CA ASN A 739 -16.29 14.60 12.67
C ASN A 739 -16.71 13.87 11.38
N LEU A 740 -16.30 14.39 10.22
CA LEU A 740 -16.79 13.86 8.92
C LEU A 740 -16.10 12.53 8.63
N MET A 741 -14.96 12.26 9.25
CA MET A 741 -14.18 11.00 9.09
C MET A 741 -14.95 9.84 9.76
N ALA A 742 -15.87 10.15 10.68
CA ALA A 742 -16.61 9.16 11.49
C ALA A 742 -17.96 8.84 10.82
N ARG A 743 -18.33 9.54 9.76
CA ARG A 743 -19.59 9.31 9.01
C ARG A 743 -19.60 7.89 8.46
N ARG A 744 -20.75 7.23 8.60
CA ARG A 744 -20.99 5.81 8.23
C ARG A 744 -22.33 5.75 7.50
N ASP A 745 -22.52 6.68 6.56
CA ASP A 745 -23.80 7.01 5.91
C ASP A 745 -23.68 6.66 4.42
N LYS A 746 -24.42 5.64 3.99
CA LYS A 746 -24.35 5.09 2.61
C LYS A 746 -25.27 5.84 1.65
N THR A 747 -25.85 6.98 2.07
CA THR A 747 -26.78 7.78 1.24
C THR A 747 -26.04 8.19 -0.04
N GLN A 748 -26.63 7.89 -1.19
CA GLN A 748 -26.09 8.24 -2.53
C GLN A 748 -27.25 8.63 -3.45
N THR A 749 -27.09 9.69 -4.24
CA THR A 749 -27.94 10.00 -5.41
C THR A 749 -27.75 8.89 -6.44
N PRO A 750 -28.64 8.74 -7.45
CA PRO A 750 -28.45 7.74 -8.50
C PRO A 750 -27.08 7.83 -9.20
N GLU A 751 -26.64 9.04 -9.56
CA GLU A 751 -25.38 9.29 -10.31
C GLU A 751 -24.18 8.88 -9.44
N GLN A 752 -24.24 9.15 -8.14
CA GLN A 752 -23.18 8.80 -7.17
C GLN A 752 -23.13 7.28 -7.01
N ALA A 753 -24.29 6.64 -6.80
CA ALA A 753 -24.40 5.18 -6.52
C ALA A 753 -23.97 4.40 -7.75
N ARG A 754 -24.21 4.94 -8.93
CA ARG A 754 -23.89 4.29 -10.23
C ARG A 754 -22.37 4.07 -10.36
N ILE A 755 -21.53 4.93 -9.76
CA ILE A 755 -20.04 4.83 -9.84
C ILE A 755 -19.42 4.58 -8.45
N GLY A 756 -20.22 4.52 -7.38
CA GLY A 756 -19.77 4.13 -6.03
C GLY A 756 -18.93 5.20 -5.34
N LEU A 757 -19.32 6.48 -5.44
CA LEU A 757 -18.63 7.62 -4.79
C LEU A 757 -18.72 7.54 -3.27
N PHE A 758 -19.85 7.05 -2.73
CA PHE A 758 -20.18 6.99 -1.28
C PHE A 758 -19.73 8.25 -0.56
N PRO A 759 -20.14 9.46 -1.01
CA PRO A 759 -19.59 10.71 -0.49
C PRO A 759 -19.91 10.98 0.99
N ASN A 760 -20.78 10.17 1.62
CA ASN A 760 -21.17 10.37 3.04
C ASN A 760 -20.60 9.27 3.92
N TRP A 761 -19.85 8.32 3.34
CA TRP A 761 -19.01 7.40 4.14
C TRP A 761 -17.62 8.05 4.33
N SER A 762 -17.27 8.32 5.59
CA SER A 762 -16.04 9.01 6.04
C SER A 762 -15.85 10.30 5.22
N PHE A 763 -14.61 10.74 5.04
CA PHE A 763 -14.26 11.98 4.32
C PHE A 763 -12.92 11.73 3.61
N CYS A 764 -12.75 12.30 2.42
CA CYS A 764 -11.45 12.26 1.68
C CYS A 764 -11.00 13.70 1.45
N TRP A 765 -9.70 13.95 1.59
CA TRP A 765 -9.07 15.19 1.09
C TRP A 765 -8.94 15.04 -0.42
N PRO A 766 -9.00 16.14 -1.19
CA PRO A 766 -9.34 17.46 -0.66
C PRO A 766 -10.86 17.71 -0.71
N VAL A 767 -11.42 18.19 0.40
CA VAL A 767 -12.85 18.61 0.56
C VAL A 767 -13.79 17.57 -0.08
N ASN A 768 -13.51 16.29 0.14
CA ASN A 768 -14.41 15.15 -0.21
C ASN A 768 -14.54 15.00 -1.74
N ARG A 769 -13.51 15.43 -2.49
CA ARG A 769 -13.37 15.08 -3.93
C ARG A 769 -12.87 13.63 -4.03
N ARG A 770 -13.76 12.70 -4.38
CA ARG A 770 -13.52 11.23 -4.42
C ARG A 770 -12.67 10.88 -5.64
N ILE A 771 -12.94 11.49 -6.79
CA ILE A 771 -12.15 11.30 -8.04
C ILE A 771 -11.43 12.62 -8.35
N LEU A 772 -10.10 12.64 -8.28
CA LEU A 772 -9.30 13.85 -8.57
C LEU A 772 -9.42 14.15 -10.06
N TYR A 773 -9.32 15.44 -10.41
CA TYR A 773 -9.22 15.95 -11.79
C TYR A 773 -10.56 15.76 -12.52
N ASN A 774 -11.67 15.70 -11.77
CA ASN A 774 -12.99 15.32 -12.34
C ASN A 774 -13.53 16.38 -13.29
N ARG A 775 -12.95 17.59 -13.36
CA ARG A 775 -13.32 18.61 -14.37
C ARG A 775 -12.97 18.11 -15.77
N ALA A 776 -12.01 17.18 -15.87
CA ALA A 776 -11.54 16.57 -17.14
C ALA A 776 -12.55 15.54 -17.66
N SER A 777 -13.54 15.12 -16.85
CA SER A 777 -14.59 14.13 -17.20
C SER A 777 -15.77 14.78 -17.93
N VAL A 778 -15.74 16.10 -18.14
CA VAL A 778 -16.84 16.85 -18.83
C VAL A 778 -16.24 17.69 -19.95
N ASP A 779 -17.09 18.11 -20.89
CA ASP A 779 -16.72 19.01 -22.01
C ASP A 779 -16.83 20.48 -21.57
N LYS A 780 -16.67 21.39 -22.54
CA LYS A 780 -16.68 22.87 -22.39
C LYS A 780 -18.01 23.37 -21.80
N THR A 781 -19.11 22.60 -21.97
CA THR A 781 -20.48 22.96 -21.50
C THR A 781 -20.79 22.28 -20.16
N GLY A 782 -19.89 21.41 -19.68
CA GLY A 782 -20.06 20.65 -18.42
C GLY A 782 -20.92 19.41 -18.60
N LYS A 783 -20.97 18.83 -19.81
CA LYS A 783 -21.64 17.53 -20.10
C LYS A 783 -20.61 16.40 -19.96
N PRO A 784 -20.92 15.32 -19.22
CA PRO A 784 -19.99 14.20 -19.09
C PRO A 784 -19.62 13.62 -20.46
N TRP A 785 -18.34 13.28 -20.65
CA TRP A 785 -17.86 12.49 -21.82
C TRP A 785 -18.63 11.18 -21.89
N ASN A 786 -18.94 10.60 -20.72
CA ASN A 786 -19.56 9.26 -20.53
C ASN A 786 -20.73 9.39 -19.55
N PRO A 787 -21.92 9.84 -19.99
CA PRO A 787 -23.05 10.10 -19.09
C PRO A 787 -23.44 8.92 -18.19
N ALA A 788 -23.31 7.70 -18.70
CA ALA A 788 -23.65 6.43 -18.02
C ALA A 788 -22.75 6.26 -16.77
N LYS A 789 -21.61 6.96 -16.71
CA LYS A 789 -20.64 6.89 -15.60
C LYS A 789 -20.14 8.29 -15.26
N ALA A 790 -21.03 9.29 -15.31
CA ALA A 790 -20.75 10.70 -14.97
C ALA A 790 -20.15 10.78 -13.56
N VAL A 791 -19.04 11.51 -13.43
CA VAL A 791 -18.41 11.86 -12.13
C VAL A 791 -19.09 13.15 -11.64
N ILE A 792 -19.01 14.19 -12.47
CA ILE A 792 -19.72 15.49 -12.26
C ILE A 792 -20.52 15.81 -13.53
N GLU A 793 -21.50 16.70 -13.39
CA GLU A 793 -22.34 17.23 -14.50
C GLU A 793 -22.83 18.62 -14.11
N TRP A 794 -22.74 19.59 -15.03
CA TRP A 794 -23.35 20.94 -14.91
C TRP A 794 -24.87 20.80 -15.06
N LYS A 795 -25.60 20.82 -13.93
CA LYS A 795 -27.08 20.73 -13.85
C LYS A 795 -27.63 21.93 -13.09
N ASP A 796 -28.38 22.79 -13.77
CA ASP A 796 -29.10 23.94 -13.14
C ASP A 796 -28.08 24.85 -12.44
N GLY A 797 -27.03 25.26 -13.16
CA GLY A 797 -26.00 26.20 -12.70
C GLY A 797 -25.16 25.65 -11.55
N LYS A 798 -25.15 24.33 -11.35
CA LYS A 798 -24.38 23.65 -10.28
C LYS A 798 -23.63 22.43 -10.85
N TRP A 799 -22.54 22.04 -10.20
CA TRP A 799 -21.87 20.73 -10.42
C TRP A 799 -22.56 19.68 -9.55
N VAL A 800 -23.13 18.64 -10.16
CA VAL A 800 -23.85 17.55 -9.45
C VAL A 800 -23.03 16.26 -9.57
N GLY A 801 -22.88 15.53 -8.46
CA GLY A 801 -22.25 14.20 -8.39
C GLY A 801 -21.15 14.15 -7.35
N ASP A 802 -19.90 14.11 -7.80
CA ASP A 802 -18.69 14.26 -6.95
C ASP A 802 -18.59 15.74 -6.60
N VAL A 803 -17.87 16.10 -5.55
CA VAL A 803 -17.43 17.51 -5.30
C VAL A 803 -16.50 17.88 -6.47
N VAL A 804 -16.80 18.97 -7.17
CA VAL A 804 -16.00 19.43 -8.36
C VAL A 804 -14.57 19.71 -7.88
N ASP A 805 -13.59 19.24 -8.65
CA ASP A 805 -12.15 19.45 -8.34
C ASP A 805 -11.71 20.76 -9.02
N GLY A 806 -12.00 21.87 -8.34
CA GLY A 806 -11.72 23.25 -8.79
C GLY A 806 -13.00 23.98 -9.12
N GLY A 807 -13.31 25.05 -8.39
CA GLY A 807 -14.51 25.87 -8.60
C GLY A 807 -14.45 26.61 -9.92
N GLY A 808 -15.60 26.84 -10.55
CA GLY A 808 -15.70 27.62 -11.81
C GLY A 808 -16.77 27.06 -12.72
N ASP A 809 -17.37 27.91 -13.55
CA ASP A 809 -18.43 27.52 -14.52
C ASP A 809 -17.78 26.73 -15.64
N PRO A 810 -18.52 25.83 -16.31
CA PRO A 810 -17.99 25.05 -17.42
C PRO A 810 -17.18 25.92 -18.42
N GLY A 811 -16.01 25.42 -18.81
CA GLY A 811 -15.17 25.99 -19.89
C GLY A 811 -14.34 27.18 -19.44
N THR A 812 -14.37 27.54 -18.15
CA THR A 812 -13.75 28.80 -17.63
C THR A 812 -12.38 28.51 -17.00
N LYS A 813 -12.10 27.25 -16.64
CA LYS A 813 -10.86 26.84 -15.92
C LYS A 813 -10.25 25.60 -16.57
N HIS A 814 -8.91 25.56 -16.68
CA HIS A 814 -8.14 24.32 -16.98
C HIS A 814 -8.40 23.35 -15.83
N PRO A 815 -8.51 22.02 -16.08
CA PRO A 815 -8.99 21.08 -15.06
C PRO A 815 -8.00 20.64 -13.98
N PHE A 816 -6.70 20.84 -14.18
CA PHE A 816 -5.62 20.40 -13.26
C PHE A 816 -5.18 21.59 -12.41
N ILE A 817 -5.99 21.92 -11.39
CA ILE A 817 -5.96 23.21 -10.64
C ILE A 817 -4.66 23.30 -9.81
N MET A 818 -4.02 22.18 -9.49
CA MET A 818 -2.78 22.17 -8.69
C MET A 818 -1.57 22.33 -9.61
N GLN A 819 -1.76 22.24 -10.93
CA GLN A 819 -0.71 22.55 -11.93
C GLN A 819 -0.57 24.07 -12.04
N THR A 820 0.66 24.56 -12.16
CA THR A 820 0.96 26.00 -12.43
C THR A 820 0.15 26.46 -13.64
N HIS A 821 0.18 25.69 -14.74
CA HIS A 821 -0.35 26.08 -16.07
C HIS A 821 -1.77 25.52 -16.28
N GLY A 822 -2.16 24.49 -15.52
CA GLY A 822 -3.54 23.97 -15.45
C GLY A 822 -3.78 22.73 -16.30
N PHE A 823 -2.75 22.15 -16.91
CA PHE A 823 -2.87 21.04 -17.90
C PHE A 823 -2.24 19.76 -17.36
N GLY A 824 -2.78 18.62 -17.79
CA GLY A 824 -2.11 17.31 -17.73
C GLY A 824 -0.85 17.33 -18.57
N ALA A 825 0.30 17.03 -17.98
CA ALA A 825 1.63 17.14 -18.64
C ALA A 825 1.97 15.82 -19.34
N LEU A 826 1.93 15.84 -20.67
CA LEU A 826 2.53 14.79 -21.53
C LEU A 826 4.04 15.04 -21.55
N TYR A 827 4.39 16.32 -21.66
CA TYR A 827 5.77 16.87 -21.65
C TYR A 827 6.00 17.50 -20.28
N GLY A 828 6.92 16.93 -19.47
CA GLY A 828 7.23 17.37 -18.09
C GLY A 828 8.65 17.94 -17.99
N PRO A 829 8.84 19.27 -18.13
CA PRO A 829 10.19 19.85 -18.20
C PRO A 829 10.92 19.99 -16.86
N GLY A 830 10.35 19.50 -15.75
CA GLY A 830 10.98 19.52 -14.41
C GLY A 830 11.58 18.17 -14.02
N ARG A 831 11.33 17.12 -14.81
CA ARG A 831 11.85 15.75 -14.53
C ARG A 831 13.34 15.73 -14.86
N GLU A 832 14.17 15.14 -14.00
CA GLU A 832 15.66 15.18 -14.07
C GLU A 832 16.18 14.38 -15.26
N GLU A 833 15.45 13.33 -15.68
CA GLU A 833 15.86 12.38 -16.76
C GLU A 833 15.27 12.81 -18.11
N GLY A 834 14.57 13.94 -18.16
CA GLY A 834 14.05 14.52 -19.41
C GLY A 834 12.52 14.64 -19.41
N PRO A 835 11.97 15.47 -20.32
CA PRO A 835 10.53 15.76 -20.34
C PRO A 835 9.68 14.63 -20.93
N PHE A 836 10.31 13.66 -21.60
CA PHE A 836 9.69 12.42 -22.10
C PHE A 836 10.42 11.22 -21.50
N PRO A 837 9.69 10.25 -20.92
CA PRO A 837 10.27 8.98 -20.53
C PRO A 837 11.02 8.32 -21.70
N GLU A 838 12.20 7.79 -21.43
CA GLU A 838 13.07 7.16 -22.44
C GLU A 838 13.64 5.87 -21.84
N HIS A 839 13.64 4.78 -22.58
CA HIS A 839 14.22 3.50 -22.08
C HIS A 839 15.71 3.71 -21.84
N TYR A 840 16.13 3.62 -20.57
CA TYR A 840 17.51 3.31 -20.13
C TYR A 840 17.44 2.05 -19.28
N GLU A 841 18.38 1.13 -19.48
CA GLU A 841 18.34 -0.25 -18.95
C GLU A 841 18.53 -0.20 -17.43
N PRO A 842 17.54 -0.62 -16.62
CA PRO A 842 17.74 -0.79 -15.18
C PRO A 842 18.57 -2.03 -14.80
N LEU A 843 18.47 -3.14 -15.55
CA LEU A 843 19.29 -4.38 -15.34
C LEU A 843 20.71 -4.13 -15.86
N GLU A 844 21.68 -3.95 -14.95
CA GLU A 844 23.05 -3.51 -15.31
C GLU A 844 23.84 -4.69 -15.89
N CYS A 845 23.64 -5.90 -15.37
CA CYS A 845 24.54 -7.07 -15.57
C CYS A 845 24.24 -7.81 -16.88
N PRO A 846 23.05 -8.41 -17.07
CA PRO A 846 22.83 -9.32 -18.20
C PRO A 846 22.55 -8.64 -19.55
N VAL A 847 22.45 -7.31 -19.58
CA VAL A 847 22.10 -6.51 -20.80
C VAL A 847 23.31 -5.66 -21.19
N SER A 848 23.56 -5.49 -22.49
CA SER A 848 24.68 -4.66 -23.04
C SER A 848 24.21 -3.76 -24.20
N LYS A 849 22.94 -3.86 -24.62
CA LYS A 849 22.40 -3.15 -25.82
C LYS A 849 21.04 -2.50 -25.53
N ASN A 850 20.96 -1.19 -25.67
CA ASN A 850 19.68 -0.43 -25.76
C ASN A 850 19.27 -0.37 -27.23
N PRO A 851 18.20 -1.09 -27.66
CA PRO A 851 17.79 -1.07 -29.06
C PRO A 851 17.12 0.23 -29.55
N PHE A 852 16.97 1.24 -28.66
CA PHE A 852 16.23 2.50 -28.92
C PHE A 852 17.18 3.70 -29.00
N SER A 853 18.41 3.60 -28.49
CA SER A 853 19.44 4.67 -28.58
C SER A 853 20.86 4.10 -28.48
N LYS A 854 21.86 5.00 -28.51
CA LYS A 854 23.29 4.73 -28.21
C LYS A 854 23.53 4.80 -26.69
N GLN A 855 22.60 5.40 -25.94
CA GLN A 855 22.69 5.56 -24.46
C GLN A 855 22.08 4.33 -23.78
N LEU A 856 22.92 3.47 -23.18
CA LEU A 856 22.52 2.16 -22.59
C LEU A 856 21.88 2.38 -21.23
N HIS A 857 22.60 3.00 -20.29
CA HIS A 857 22.14 3.23 -18.89
C HIS A 857 21.69 4.68 -18.72
N ASN A 858 21.07 4.96 -17.57
CA ASN A 858 20.48 6.27 -17.20
C ASN A 858 21.58 7.33 -17.20
N PRO A 859 21.55 8.32 -18.12
CA PRO A 859 22.64 9.29 -18.23
C PRO A 859 22.70 10.31 -17.08
N VAL A 860 21.91 10.14 -16.00
CA VAL A 860 21.76 11.17 -14.92
C VAL A 860 22.12 10.59 -13.54
N ALA A 861 21.89 9.30 -13.30
CA ALA A 861 22.08 8.66 -11.98
C ALA A 861 23.43 9.08 -11.37
N LYS A 869 27.79 0.93 -11.38
CA LYS A 869 28.68 0.71 -10.21
C LYS A 869 28.28 -0.57 -9.47
N ALA A 870 27.25 -1.28 -9.94
CA ALA A 870 26.96 -2.70 -9.58
C ALA A 870 28.10 -3.57 -10.13
N VAL A 871 28.61 -4.48 -9.32
CA VAL A 871 29.83 -5.27 -9.64
C VAL A 871 29.54 -6.25 -10.78
N CYS A 872 28.39 -6.92 -10.74
CA CYS A 872 27.98 -7.98 -11.71
C CYS A 872 29.00 -9.13 -11.64
N ASP A 873 29.33 -9.59 -10.44
CA ASP A 873 30.30 -10.67 -10.20
C ASP A 873 29.76 -11.98 -10.78
N PRO A 874 30.47 -12.59 -11.75
CA PRO A 874 30.00 -13.80 -12.44
C PRO A 874 29.61 -15.01 -11.57
N ARG A 875 29.94 -15.01 -10.27
CA ARG A 875 29.59 -16.08 -9.31
C ARG A 875 28.10 -16.01 -8.93
N TYR A 876 27.39 -14.95 -9.37
CA TYR A 876 25.98 -14.65 -8.99
C TYR A 876 25.19 -14.35 -10.26
N PRO A 877 24.95 -15.38 -11.10
CA PRO A 877 24.45 -15.17 -12.46
C PRO A 877 22.94 -14.87 -12.59
N PHE A 878 22.16 -15.12 -11.52
CA PHE A 878 20.67 -15.10 -11.53
C PHE A 878 20.18 -13.76 -10.99
N ILE A 879 19.10 -13.24 -11.58
CA ILE A 879 18.38 -12.03 -11.09
C ILE A 879 17.51 -12.44 -9.91
N GLY A 880 17.96 -12.14 -8.68
CA GLY A 880 17.11 -12.16 -7.47
C GLY A 880 16.07 -11.07 -7.55
N THR A 881 14.88 -11.34 -7.00
CA THR A 881 13.79 -10.34 -6.83
C THR A 881 13.07 -10.64 -5.53
N THR A 882 12.50 -9.61 -4.90
CA THR A 882 11.71 -9.78 -3.65
C THR A 882 10.29 -9.28 -3.89
N TYR A 883 9.36 -9.84 -3.12
CA TYR A 883 7.89 -9.62 -3.22
C TYR A 883 7.22 -10.28 -2.02
N ARG A 884 5.90 -10.18 -1.98
CA ARG A 884 5.07 -10.53 -0.79
C ARG A 884 4.16 -11.68 -1.15
N VAL A 885 3.55 -12.27 -0.12
CA VAL A 885 2.43 -13.23 -0.20
C VAL A 885 1.26 -12.61 0.56
N THR A 886 0.03 -13.03 0.24
CA THR A 886 -1.22 -12.53 0.86
C THR A 886 -1.15 -12.65 2.39
N GLU A 887 -0.54 -13.71 2.90
CA GLU A 887 -0.62 -14.13 4.33
C GLU A 887 0.28 -13.29 5.25
N HIS A 888 1.36 -12.69 4.73
CA HIS A 888 2.36 -12.01 5.59
C HIS A 888 2.35 -10.51 5.32
N TRP A 889 2.89 -9.75 6.28
CA TRP A 889 2.91 -8.27 6.28
C TRP A 889 4.34 -7.77 6.45
N GLN A 890 4.88 -7.14 5.41
CA GLN A 890 6.15 -6.37 5.47
C GLN A 890 7.27 -7.31 5.92
N THR A 891 8.03 -6.95 6.95
CA THR A 891 9.15 -7.76 7.48
C THR A 891 8.60 -8.99 8.20
N GLY A 892 7.31 -9.00 8.52
CA GLY A 892 6.63 -10.15 9.17
C GLY A 892 6.65 -10.03 10.68
N LEU A 893 7.18 -8.93 11.22
CA LEU A 893 7.20 -8.65 12.67
C LEU A 893 5.80 -8.94 13.22
N MET A 894 4.74 -8.45 12.56
CA MET A 894 3.34 -8.58 13.03
C MET A 894 2.81 -10.00 12.76
N THR A 895 3.02 -10.53 11.55
CA THR A 895 2.33 -11.75 11.04
C THR A 895 3.14 -13.00 11.39
N ARG A 896 4.44 -12.89 11.68
CA ARG A 896 5.26 -14.02 12.18
C ARG A 896 4.92 -14.31 13.65
N ARG A 897 4.06 -13.48 14.26
CA ARG A 897 3.56 -13.60 15.67
C ARG A 897 2.11 -14.11 15.68
N CYS A 898 1.49 -14.22 14.50
CA CYS A 898 0.11 -14.74 14.30
C CYS A 898 0.19 -16.17 13.74
N ALA A 899 -0.18 -17.16 14.57
CA ALA A 899 0.04 -18.60 14.34
C ALA A 899 -0.72 -19.09 13.08
N TRP A 900 -1.85 -18.47 12.70
CA TRP A 900 -2.67 -18.89 11.53
C TRP A 900 -2.01 -18.44 10.22
N LEU A 901 -1.24 -17.36 10.24
CA LEU A 901 -0.50 -16.85 9.06
C LEU A 901 0.79 -17.64 8.89
N VAL A 902 1.49 -17.91 10.00
CA VAL A 902 2.68 -18.80 10.06
C VAL A 902 2.26 -20.21 9.64
N GLU A 903 1.07 -20.64 10.06
CA GLU A 903 0.48 -21.95 9.65
C GLU A 903 0.50 -22.05 8.11
N ALA A 904 -0.08 -21.04 7.44
CA ALA A 904 -0.22 -20.97 5.97
C ALA A 904 1.15 -20.85 5.28
N GLU A 905 2.04 -19.97 5.77
CA GLU A 905 3.34 -19.65 5.13
C GLU A 905 4.42 -19.65 6.21
N PRO A 906 4.84 -20.84 6.70
CA PRO A 906 5.69 -20.95 7.89
C PRO A 906 7.17 -20.55 7.71
N GLN A 907 7.67 -20.60 6.48
CA GLN A 907 9.14 -20.55 6.21
C GLN A 907 9.44 -19.76 4.94
N ILE A 908 10.57 -19.05 4.94
CA ILE A 908 11.13 -18.39 3.72
C ILE A 908 11.25 -19.47 2.65
N PHE A 909 10.94 -19.10 1.41
CA PHE A 909 11.02 -19.99 0.23
C PHE A 909 11.79 -19.25 -0.86
N CYS A 910 12.14 -19.98 -1.91
CA CYS A 910 12.82 -19.45 -3.11
C CYS A 910 12.14 -20.04 -4.34
N GLU A 911 11.42 -19.21 -5.10
CA GLU A 911 10.60 -19.66 -6.27
C GLU A 911 11.49 -19.60 -7.52
N ILE A 912 11.60 -20.74 -8.21
CA ILE A 912 12.52 -20.92 -9.38
C ILE A 912 11.77 -21.68 -10.46
N SER A 913 12.10 -21.41 -11.73
CA SER A 913 11.53 -22.07 -12.92
C SER A 913 11.96 -23.54 -12.92
N LYS A 914 11.27 -24.38 -13.68
CA LYS A 914 11.66 -25.79 -13.94
C LYS A 914 13.08 -25.80 -14.54
N GLU A 915 13.36 -24.88 -15.46
CA GLU A 915 14.63 -24.76 -16.22
C GLU A 915 15.80 -24.50 -15.26
N LEU A 916 15.65 -23.61 -14.27
CA LEU A 916 16.71 -23.26 -13.30
C LEU A 916 16.92 -24.45 -12.36
N ALA A 917 15.81 -25.01 -11.85
CA ALA A 917 15.80 -26.22 -10.99
C ALA A 917 16.64 -27.32 -11.65
N LYS A 918 16.39 -27.59 -12.94
CA LYS A 918 17.05 -28.66 -13.74
C LYS A 918 18.54 -28.32 -13.92
N LEU A 919 18.87 -27.09 -14.32
CA LEU A 919 20.28 -26.60 -14.50
C LEU A 919 21.07 -26.74 -13.20
N ARG A 920 20.44 -26.56 -12.03
CA ARG A 920 21.15 -26.50 -10.73
C ARG A 920 20.90 -27.78 -9.90
N GLY A 921 20.20 -28.76 -10.46
CA GLY A 921 19.87 -30.04 -9.78
C GLY A 921 19.10 -29.83 -8.48
N ILE A 922 18.11 -28.94 -8.48
CA ILE A 922 17.21 -28.66 -7.33
C ILE A 922 15.86 -29.35 -7.56
N GLY A 923 15.40 -30.15 -6.59
CA GLY A 923 14.06 -30.75 -6.55
C GLY A 923 13.13 -29.94 -5.68
N ASN A 924 11.84 -29.91 -6.01
CA ASN A 924 10.80 -29.15 -5.27
C ASN A 924 10.85 -29.57 -3.80
N GLY A 925 10.95 -28.60 -2.89
CA GLY A 925 10.99 -28.83 -1.43
C GLY A 925 12.40 -28.98 -0.90
N ASP A 926 13.43 -28.98 -1.78
CA ASP A 926 14.86 -29.06 -1.38
C ASP A 926 15.26 -27.78 -0.65
N THR A 927 16.09 -27.88 0.39
CA THR A 927 16.78 -26.71 1.00
C THR A 927 17.78 -26.17 -0.02
N VAL A 928 17.86 -24.84 -0.14
CA VAL A 928 18.76 -24.14 -1.10
C VAL A 928 19.45 -22.98 -0.36
N LYS A 929 20.71 -22.73 -0.71
CA LYS A 929 21.48 -21.55 -0.26
C LYS A 929 21.34 -20.46 -1.33
N VAL A 930 20.78 -19.32 -0.96
CA VAL A 930 20.72 -18.13 -1.84
C VAL A 930 21.77 -17.14 -1.32
N SER A 931 22.65 -16.68 -2.21
CA SER A 931 23.86 -15.90 -1.87
C SER A 931 24.06 -14.76 -2.87
N SER A 932 24.71 -13.71 -2.41
CA SER A 932 25.09 -12.52 -3.20
C SER A 932 26.36 -11.93 -2.57
N LEU A 933 26.87 -10.83 -3.14
CA LEU A 933 28.04 -10.11 -2.57
C LEU A 933 27.72 -9.65 -1.14
N ARG A 934 26.43 -9.52 -0.80
CA ARG A 934 25.99 -8.81 0.43
C ARG A 934 25.75 -9.81 1.57
N GLY A 935 25.51 -11.08 1.25
CA GLY A 935 25.19 -12.11 2.26
C GLY A 935 24.67 -13.38 1.63
N ALA A 936 24.22 -14.33 2.45
CA ALA A 936 23.67 -15.64 2.05
C ALA A 936 22.62 -16.10 3.07
N LEU A 937 21.66 -16.92 2.62
CA LEU A 937 20.64 -17.54 3.51
C LEU A 937 20.16 -18.86 2.91
N GLU A 938 19.53 -19.67 3.74
CA GLU A 938 18.85 -20.91 3.32
C GLU A 938 17.34 -20.63 3.20
N ALA A 939 16.71 -21.24 2.20
CA ALA A 939 15.24 -21.25 1.99
C ALA A 939 14.82 -22.62 1.43
N VAL A 940 13.53 -22.93 1.43
CA VAL A 940 13.02 -24.15 0.74
C VAL A 940 12.71 -23.77 -0.71
N ALA A 941 13.12 -24.61 -1.65
CA ALA A 941 12.95 -24.39 -3.11
C ALA A 941 11.50 -24.70 -3.48
N ILE A 942 10.83 -23.74 -4.13
CA ILE A 942 9.51 -23.95 -4.80
C ILE A 942 9.79 -23.89 -6.29
N VAL A 943 9.75 -25.06 -6.95
CA VAL A 943 9.93 -25.24 -8.42
C VAL A 943 8.54 -25.17 -9.05
N THR A 944 8.37 -24.33 -10.08
CA THR A 944 7.04 -24.00 -10.64
C THR A 944 7.16 -23.38 -12.04
N GLU A 945 6.21 -23.70 -12.93
CA GLU A 945 6.07 -23.05 -14.26
C GLU A 945 5.60 -21.59 -14.11
N ARG A 946 5.29 -21.12 -12.90
CA ARG A 946 4.89 -19.71 -12.65
C ARG A 946 6.09 -18.76 -12.83
N ILE A 947 7.32 -19.28 -12.70
CA ILE A 947 8.56 -18.56 -13.14
C ILE A 947 9.01 -19.18 -14.46
N ARG A 948 9.38 -18.34 -15.43
CA ARG A 948 9.95 -18.75 -16.75
C ARG A 948 11.24 -17.99 -16.98
N PRO A 949 12.23 -18.57 -17.69
CA PRO A 949 13.45 -17.84 -18.05
C PRO A 949 13.12 -16.72 -19.05
N PHE A 950 13.87 -15.61 -19.01
CA PHE A 950 13.76 -14.45 -19.94
C PHE A 950 14.81 -14.56 -21.05
N LYS A 951 14.38 -14.41 -22.31
CA LYS A 951 15.26 -14.29 -23.50
C LYS A 951 15.88 -12.88 -23.50
N ILE A 952 17.13 -12.74 -23.03
CA ILE A 952 17.89 -11.46 -23.09
C ILE A 952 19.06 -11.61 -24.05
N GLU A 953 18.95 -11.04 -25.26
CA GLU A 953 19.99 -11.04 -26.33
C GLU A 953 20.36 -12.49 -26.65
N GLY A 954 19.35 -13.31 -26.97
CA GLY A 954 19.49 -14.72 -27.37
C GLY A 954 20.08 -15.58 -26.27
N VAL A 955 20.08 -15.12 -25.01
CA VAL A 955 20.54 -15.91 -23.83
C VAL A 955 19.37 -16.03 -22.83
N ASP A 956 19.19 -17.23 -22.29
CA ASP A 956 18.23 -17.53 -21.20
C ASP A 956 18.80 -16.99 -19.88
N VAL A 957 18.09 -16.06 -19.26
CA VAL A 957 18.42 -15.46 -17.94
C VAL A 957 17.36 -15.92 -16.93
N HIS A 958 17.80 -16.38 -15.76
CA HIS A 958 16.93 -17.01 -14.73
C HIS A 958 16.67 -15.99 -13.61
N MET A 959 15.39 -15.76 -13.31
CA MET A 959 14.93 -14.93 -12.18
C MET A 959 14.65 -15.83 -10.98
N VAL A 960 15.04 -15.38 -9.80
CA VAL A 960 14.90 -16.11 -8.49
C VAL A 960 14.05 -15.25 -7.56
N GLY A 961 12.92 -15.78 -7.08
CA GLY A 961 11.94 -15.03 -6.27
C GLY A 961 12.07 -15.37 -4.79
N LEU A 962 12.05 -14.36 -3.92
CA LEU A 962 12.13 -14.55 -2.45
C LEU A 962 11.13 -13.64 -1.74
N PRO A 963 10.44 -14.13 -0.69
CA PRO A 963 9.65 -13.28 0.19
C PRO A 963 10.61 -12.62 1.18
N TRP A 964 10.32 -11.37 1.54
CA TRP A 964 11.15 -10.57 2.48
C TRP A 964 10.42 -10.47 3.83
N HIS A 965 9.53 -11.43 4.11
CA HIS A 965 8.64 -11.49 5.30
C HIS A 965 9.30 -12.15 6.51
N TYR A 966 10.51 -12.70 6.39
CA TYR A 966 11.10 -13.59 7.43
C TYR A 966 12.24 -12.88 8.15
N GLY A 967 12.53 -13.35 9.36
CA GLY A 967 13.49 -12.74 10.30
C GLY A 967 13.88 -13.69 11.42
N TRP A 968 15.13 -13.61 11.87
CA TRP A 968 15.77 -14.59 12.78
C TRP A 968 15.00 -14.74 14.11
N MET A 969 14.20 -13.75 14.49
CA MET A 969 13.54 -13.68 15.83
C MET A 969 12.48 -14.76 15.96
N VAL A 970 11.52 -14.81 15.03
CA VAL A 970 10.35 -15.74 15.04
C VAL A 970 9.91 -15.99 13.60
N PRO A 971 9.18 -17.09 13.31
CA PRO A 971 9.08 -18.21 14.23
C PRO A 971 10.36 -19.06 14.17
N LYS A 972 10.42 -20.16 14.91
CA LYS A 972 11.57 -21.11 14.84
C LYS A 972 11.56 -21.73 13.43
N ASN A 973 12.70 -21.68 12.73
CA ASN A 973 12.92 -22.24 11.37
C ASN A 973 12.19 -21.42 10.31
N GLY A 974 11.77 -20.19 10.62
CA GLY A 974 11.20 -19.25 9.62
C GLY A 974 12.23 -18.84 8.58
N GLY A 975 13.49 -18.69 8.98
CA GLY A 975 14.57 -18.11 8.16
C GLY A 975 14.72 -16.63 8.46
N ASP A 976 15.62 -15.93 7.75
CA ASP A 976 15.95 -14.51 8.01
C ASP A 976 15.48 -13.66 6.82
N THR A 977 15.69 -12.34 6.90
CA THR A 977 15.26 -11.36 5.87
C THR A 977 15.99 -11.65 4.56
N ALA A 978 15.28 -11.53 3.43
CA ALA A 978 15.86 -11.60 2.08
C ALA A 978 16.82 -10.42 1.87
N ASN A 979 16.74 -9.40 2.74
CA ASN A 979 17.57 -8.18 2.64
C ASN A 979 19.01 -8.45 3.12
N LEU A 980 19.32 -9.68 3.54
CA LEU A 980 20.73 -10.15 3.65
C LEU A 980 21.36 -10.09 2.25
N LEU A 981 20.55 -10.28 1.20
CA LEU A 981 21.03 -10.46 -0.19
C LEU A 981 21.06 -9.14 -0.97
N THR A 982 20.28 -8.13 -0.59
CA THR A 982 20.01 -6.93 -1.44
C THR A 982 21.15 -5.91 -1.32
N PRO A 983 21.44 -5.20 -2.43
CA PRO A 983 22.44 -4.12 -2.40
C PRO A 983 21.94 -2.88 -1.66
N SER A 984 22.87 -2.15 -1.06
CA SER A 984 22.63 -0.99 -0.16
C SER A 984 22.32 0.26 -0.99
N ALA A 985 23.20 0.60 -1.93
CA ALA A 985 23.08 1.79 -2.80
C ALA A 985 21.93 1.59 -3.79
N GLY A 986 21.70 2.58 -4.65
CA GLY A 986 20.71 2.52 -5.73
C GLY A 986 20.62 3.85 -6.48
N ASP A 987 19.48 4.10 -7.12
CA ASP A 987 19.19 5.33 -7.89
C ASP A 987 19.47 6.54 -6.99
N PRO A 988 20.50 7.38 -7.27
CA PRO A 988 20.83 8.51 -6.41
C PRO A 988 19.86 9.71 -6.55
N ASN A 989 19.00 9.69 -7.57
CA ASN A 989 18.00 10.77 -7.88
C ASN A 989 16.82 10.69 -6.91
N THR A 990 16.16 9.52 -6.84
CA THR A 990 14.93 9.27 -6.02
C THR A 990 15.33 8.85 -4.59
N GLY A 991 16.47 8.17 -4.43
CA GLY A 991 16.92 7.58 -3.16
C GLY A 991 16.12 6.33 -2.84
N ILE A 992 16.38 5.24 -3.56
CA ILE A 992 15.65 3.93 -3.46
C ILE A 992 16.62 2.79 -3.76
N PRO A 993 16.63 1.72 -2.94
CA PRO A 993 17.47 0.54 -3.20
C PRO A 993 16.90 -0.37 -4.29
N GLU A 994 17.72 -1.25 -4.87
CA GLU A 994 17.32 -2.18 -5.98
C GLU A 994 16.90 -3.52 -5.36
N THR A 995 15.69 -3.59 -4.80
CA THR A 995 15.13 -4.78 -4.10
C THR A 995 14.41 -5.69 -5.11
N LYS A 996 14.17 -5.21 -6.34
CA LYS A 996 13.36 -5.90 -7.37
C LYS A 996 14.24 -6.60 -8.41
N ALA A 997 15.52 -6.21 -8.54
CA ALA A 997 16.50 -6.85 -9.45
C ALA A 997 17.91 -6.76 -8.82
N PHE A 998 18.40 -7.86 -8.26
CA PHE A 998 19.73 -7.96 -7.60
C PHE A 998 20.27 -9.37 -7.86
N MET A 999 21.57 -9.45 -8.19
CA MET A 999 22.22 -10.68 -8.69
C MET A 999 22.47 -11.65 -7.53
N VAL A 1000 22.07 -12.90 -7.71
CA VAL A 1000 22.25 -13.98 -6.68
C VAL A 1000 22.72 -15.24 -7.40
N ASP A 1001 23.25 -16.16 -6.59
CA ASP A 1001 23.42 -17.60 -6.91
C ASP A 1001 22.47 -18.38 -6.00
N VAL A 1002 22.03 -19.54 -6.46
CA VAL A 1002 21.24 -20.50 -5.64
C VAL A 1002 21.86 -21.89 -5.84
N ARG A 1003 22.17 -22.56 -4.72
CA ARG A 1003 22.85 -23.90 -4.70
C ARG A 1003 22.08 -24.83 -3.76
N LYS A 1004 21.91 -26.10 -4.16
CA LYS A 1004 21.28 -27.13 -3.28
C LYS A 1004 22.16 -27.29 -2.03
N VAL A 1005 21.57 -27.68 -0.89
CA VAL A 1005 22.27 -27.99 0.39
C VAL A 1005 22.18 -29.50 0.65
N GLY B 2 -33.91 -25.96 3.27
CA GLY B 2 -32.52 -26.13 3.74
C GLY B 2 -31.60 -25.07 3.19
N LYS B 3 -30.35 -25.02 3.68
CA LYS B 3 -29.33 -24.03 3.30
C LYS B 3 -28.32 -24.66 2.33
N MET B 4 -27.65 -23.83 1.54
CA MET B 4 -26.63 -24.29 0.56
C MET B 4 -25.52 -23.24 0.39
N PHE B 5 -24.29 -23.70 0.17
CA PHE B 5 -23.15 -22.90 -0.34
C PHE B 5 -23.02 -23.11 -1.84
N PHE B 6 -23.02 -22.01 -2.60
CA PHE B 6 -22.50 -21.96 -3.99
C PHE B 6 -21.07 -21.39 -3.97
N VAL B 7 -20.07 -22.18 -4.38
CA VAL B 7 -18.63 -21.82 -4.34
C VAL B 7 -18.12 -21.67 -5.78
N ASP B 8 -18.01 -20.42 -6.26
CA ASP B 8 -17.56 -20.10 -7.64
C ASP B 8 -16.03 -20.01 -7.67
N LEU B 9 -15.35 -21.13 -7.95
CA LEU B 9 -13.87 -21.20 -7.92
C LEU B 9 -13.26 -20.42 -9.08
N SER B 10 -14.06 -19.92 -10.03
CA SER B 10 -13.60 -19.05 -11.14
C SER B 10 -13.23 -17.64 -10.62
N ARG B 11 -13.54 -17.33 -9.36
CA ARG B 11 -13.35 -15.98 -8.74
C ARG B 11 -12.33 -16.04 -7.61
N CYS B 12 -11.83 -17.23 -7.28
CA CYS B 12 -10.98 -17.49 -6.09
C CYS B 12 -9.55 -16.99 -6.35
N THR B 13 -9.04 -16.12 -5.47
CA THR B 13 -7.67 -15.55 -5.51
C THR B 13 -6.75 -16.30 -4.54
N ALA B 14 -7.24 -17.41 -3.96
CA ALA B 14 -6.54 -18.21 -2.93
C ALA B 14 -5.95 -17.27 -1.87
N CYS B 15 -6.68 -16.22 -1.51
CA CYS B 15 -6.30 -15.22 -0.47
C CYS B 15 -6.22 -15.93 0.88
N ARG B 16 -6.98 -17.03 1.05
CA ARG B 16 -7.04 -17.86 2.27
C ARG B 16 -7.60 -17.03 3.44
N GLY B 17 -8.42 -16.02 3.14
CA GLY B 17 -9.26 -15.35 4.15
C GLY B 17 -10.20 -16.35 4.81
N CYS B 18 -10.69 -17.34 4.05
CA CYS B 18 -11.70 -18.33 4.49
C CYS B 18 -11.04 -19.30 5.47
N GLN B 19 -9.79 -19.68 5.20
CA GLN B 19 -9.02 -20.63 6.02
C GLN B 19 -8.82 -20.04 7.42
N ILE B 20 -8.50 -18.75 7.50
CA ILE B 20 -8.17 -18.07 8.78
C ILE B 20 -9.48 -17.76 9.52
N ALA B 21 -10.47 -17.24 8.80
CA ALA B 21 -11.80 -16.88 9.33
C ALA B 21 -12.38 -18.07 10.09
N CYS B 22 -12.29 -19.29 9.53
CA CYS B 22 -12.84 -20.52 10.13
C CYS B 22 -12.21 -20.71 11.51
N LYS B 23 -10.89 -20.56 11.59
CA LYS B 23 -10.11 -20.80 12.83
C LYS B 23 -10.36 -19.68 13.84
N GLN B 24 -10.49 -18.44 13.37
CA GLN B 24 -10.76 -17.27 14.25
C GLN B 24 -12.11 -17.48 14.93
N TRP B 25 -13.14 -17.83 14.15
CA TRP B 25 -14.54 -17.90 14.64
C TRP B 25 -14.66 -18.98 15.71
N LYS B 26 -13.99 -20.12 15.52
CA LYS B 26 -14.05 -21.28 16.45
C LYS B 26 -12.82 -21.30 17.36
N ASN B 27 -11.92 -20.31 17.26
CA ASN B 27 -10.69 -20.24 18.08
C ASN B 27 -9.96 -21.59 18.05
N LEU B 28 -9.85 -22.18 16.86
CA LEU B 28 -9.07 -23.43 16.66
C LEU B 28 -7.59 -23.09 16.74
N PRO B 29 -6.74 -24.00 17.25
CA PRO B 29 -5.30 -23.77 17.24
C PRO B 29 -4.75 -23.94 15.82
N ALA B 30 -3.47 -23.63 15.63
CA ALA B 30 -2.73 -23.82 14.36
C ALA B 30 -1.96 -25.13 14.43
N GLU B 31 -1.79 -25.81 13.30
CA GLU B 31 -0.91 -26.99 13.20
C GLU B 31 0.53 -26.51 13.09
N GLU B 32 1.48 -27.34 13.51
CA GLU B 32 2.91 -27.19 13.14
C GLU B 32 3.03 -27.54 11.67
N THR B 33 3.45 -26.57 10.86
CA THR B 33 3.62 -26.70 9.40
C THR B 33 5.06 -26.37 9.04
N ARG B 34 5.58 -27.00 8.00
CA ARG B 34 6.84 -26.63 7.31
C ARG B 34 6.46 -26.35 5.85
N ASN B 35 7.35 -25.70 5.10
CA ASN B 35 7.17 -25.53 3.63
C ASN B 35 7.98 -26.64 2.96
N THR B 36 7.32 -27.44 2.13
CA THR B 36 7.88 -28.64 1.46
C THR B 36 7.82 -28.43 -0.05
N GLY B 37 7.76 -27.17 -0.51
CA GLY B 37 7.73 -26.80 -1.93
C GLY B 37 6.35 -26.36 -2.40
N SER B 38 5.51 -25.83 -1.50
CA SER B 38 4.14 -25.37 -1.85
C SER B 38 3.67 -24.25 -0.91
N HIS B 39 2.83 -23.36 -1.45
CA HIS B 39 2.05 -22.35 -0.67
C HIS B 39 0.98 -23.04 0.17
N GLN B 40 0.54 -24.23 -0.26
CA GLN B 40 -0.50 -25.04 0.42
C GLN B 40 -0.03 -25.38 1.83
N ASN B 41 -0.85 -25.06 2.83
CA ASN B 41 -0.56 -25.32 4.26
C ASN B 41 -1.72 -24.78 5.09
N PRO B 42 -2.24 -25.58 6.06
CA PRO B 42 -1.78 -26.94 6.29
C PRO B 42 -1.98 -27.82 5.05
N PRO B 43 -1.19 -28.89 4.88
CA PRO B 43 -1.22 -29.69 3.66
C PRO B 43 -2.53 -30.48 3.47
N ASP B 44 -3.31 -30.63 4.55
CA ASP B 44 -4.49 -31.52 4.62
C ASP B 44 -5.41 -31.08 5.76
N LEU B 45 -6.70 -31.38 5.65
CA LEU B 45 -7.68 -31.26 6.77
C LEU B 45 -7.19 -32.13 7.92
N SER B 46 -7.54 -31.74 9.15
CA SER B 46 -7.16 -32.44 10.41
C SER B 46 -8.19 -32.11 11.50
N TYR B 47 -8.01 -32.64 12.71
CA TYR B 47 -8.98 -32.43 13.81
C TYR B 47 -9.13 -30.93 14.07
N VAL B 48 -8.04 -30.17 13.93
CA VAL B 48 -7.96 -28.71 14.27
C VAL B 48 -8.07 -27.83 13.01
N THR B 49 -8.20 -28.42 11.81
CA THR B 49 -8.31 -27.70 10.51
C THR B 49 -9.54 -28.22 9.75
N LEU B 50 -10.64 -27.48 9.78
CA LEU B 50 -11.94 -27.87 9.15
C LEU B 50 -11.97 -27.43 7.67
N LYS B 51 -11.02 -26.58 7.26
CA LYS B 51 -10.92 -26.03 5.87
C LYS B 51 -9.47 -25.63 5.58
N THR B 52 -8.91 -26.12 4.47
CA THR B 52 -7.61 -25.68 3.92
C THR B 52 -7.77 -25.44 2.42
N VAL B 53 -7.14 -24.37 1.91
CA VAL B 53 -7.14 -24.05 0.45
C VAL B 53 -6.04 -24.90 -0.18
N ARG B 54 -6.43 -25.81 -1.09
CA ARG B 54 -5.48 -26.66 -1.84
C ARG B 54 -5.07 -25.92 -3.11
N PHE B 55 -3.78 -25.98 -3.46
CA PHE B 55 -3.15 -25.35 -4.64
C PHE B 55 -2.62 -26.46 -5.56
N THR B 56 -3.14 -26.55 -6.79
CA THR B 56 -2.61 -27.44 -7.86
C THR B 56 -2.24 -26.60 -9.08
N GLU B 57 -1.02 -26.78 -9.60
CA GLU B 57 -0.54 -26.11 -10.83
C GLU B 57 -0.62 -27.08 -11.99
N LYS B 58 -1.31 -26.68 -13.06
CA LYS B 58 -1.55 -27.49 -14.26
C LYS B 58 -1.06 -26.68 -15.47
N SER B 59 -0.23 -27.30 -16.32
CA SER B 59 0.36 -26.68 -17.54
C SER B 59 -0.77 -26.25 -18.48
N ARG B 60 -0.53 -25.20 -19.25
CA ARG B 60 -1.39 -24.81 -20.39
C ARG B 60 -0.48 -24.35 -21.54
N LYS B 61 -1.05 -24.30 -22.75
CA LYS B 61 -0.38 -23.72 -23.95
C LYS B 61 -0.20 -22.23 -23.68
N GLY B 62 0.94 -21.68 -24.04
CA GLY B 62 1.22 -20.23 -23.99
C GLY B 62 1.65 -19.81 -22.59
N PRO B 63 1.67 -18.49 -22.31
CA PRO B 63 2.21 -17.98 -21.04
C PRO B 63 1.35 -18.38 -19.84
N GLY B 64 2.01 -18.66 -18.71
CA GLY B 64 1.37 -18.93 -17.41
C GLY B 64 0.98 -20.39 -17.26
N ILE B 65 0.10 -20.64 -16.30
CA ILE B 65 -0.39 -21.99 -15.89
C ILE B 65 -1.88 -21.86 -15.61
N ASP B 66 -2.57 -23.00 -15.52
CA ASP B 66 -3.87 -23.13 -14.81
C ASP B 66 -3.55 -23.38 -13.34
N TRP B 67 -3.71 -22.36 -12.49
CA TRP B 67 -3.56 -22.50 -11.01
C TRP B 67 -4.95 -22.77 -10.43
N LEU B 68 -5.16 -23.98 -9.88
CA LEU B 68 -6.48 -24.48 -9.41
C LEU B 68 -6.56 -24.42 -7.89
N PHE B 69 -7.45 -23.59 -7.34
CA PHE B 69 -7.64 -23.36 -5.88
C PHE B 69 -8.91 -24.07 -5.42
N PHE B 70 -8.78 -24.84 -4.34
CA PHE B 70 -9.89 -25.64 -3.77
C PHE B 70 -9.95 -25.40 -2.26
N PRO B 71 -10.74 -24.40 -1.81
CA PRO B 71 -11.11 -24.28 -0.39
C PRO B 71 -12.01 -25.46 0.02
N GLU B 72 -11.39 -26.49 0.61
CA GLU B 72 -12.04 -27.80 0.90
C GLU B 72 -12.83 -27.72 2.22
N GLN B 73 -14.03 -28.31 2.25
CA GLN B 73 -14.86 -28.45 3.48
C GLN B 73 -15.89 -29.56 3.31
N CYS B 74 -16.42 -30.07 4.43
CA CYS B 74 -17.61 -30.96 4.47
C CYS B 74 -18.66 -30.44 3.46
N ARG B 75 -19.23 -31.34 2.65
CA ARG B 75 -20.20 -30.99 1.57
C ARG B 75 -21.62 -30.89 2.14
N HIS B 76 -21.82 -31.32 3.40
CA HIS B 76 -23.15 -31.34 4.08
C HIS B 76 -24.16 -32.03 3.15
N CYS B 77 -23.84 -33.27 2.77
CA CYS B 77 -24.59 -34.13 1.80
C CYS B 77 -26.07 -34.21 2.21
N VAL B 78 -26.99 -34.12 1.24
CA VAL B 78 -28.47 -34.22 1.47
C VAL B 78 -28.77 -35.57 2.12
N GLU B 79 -28.07 -36.63 1.70
CA GLU B 79 -28.16 -38.00 2.29
C GLU B 79 -26.75 -38.43 2.69
N PRO B 80 -26.29 -38.05 3.90
CA PRO B 80 -24.88 -38.20 4.28
C PRO B 80 -24.48 -39.62 4.65
N PRO B 81 -23.60 -40.27 3.86
CA PRO B 81 -23.05 -41.58 4.22
C PRO B 81 -22.37 -41.70 5.59
N CYS B 82 -21.74 -40.62 6.06
CA CYS B 82 -21.04 -40.58 7.38
C CYS B 82 -22.04 -40.92 8.50
N LYS B 83 -23.29 -40.48 8.36
CA LYS B 83 -24.40 -40.70 9.34
C LYS B 83 -24.78 -42.18 9.39
N GLY B 84 -25.08 -42.78 8.22
CA GLY B 84 -25.45 -44.20 8.06
C GLY B 84 -24.37 -45.13 8.61
N GLN B 85 -23.10 -44.77 8.42
CA GLN B 85 -21.93 -45.58 8.86
C GLN B 85 -21.72 -45.39 10.37
N ALA B 86 -22.02 -44.20 10.90
CA ALA B 86 -21.89 -43.87 12.34
C ALA B 86 -23.05 -44.52 13.12
N ASP B 87 -24.27 -44.43 12.58
CA ASP B 87 -25.51 -44.99 13.20
C ASP B 87 -25.35 -46.48 13.46
N VAL B 88 -24.56 -47.19 12.64
CA VAL B 88 -24.19 -48.63 12.83
C VAL B 88 -23.76 -48.86 14.28
N ASP B 89 -22.97 -47.94 14.87
CA ASP B 89 -22.36 -48.09 16.22
C ASP B 89 -23.22 -47.37 17.27
N LEU B 90 -23.57 -46.09 17.04
CA LEU B 90 -24.34 -45.25 18.01
C LEU B 90 -25.16 -44.19 17.27
N GLU B 91 -26.47 -44.40 17.12
CA GLU B 91 -27.41 -43.37 16.63
C GLU B 91 -27.28 -42.15 17.54
N GLY B 92 -27.32 -40.93 16.98
CA GLY B 92 -27.19 -39.66 17.72
C GLY B 92 -25.83 -39.00 17.53
N ALA B 93 -24.77 -39.78 17.30
CA ALA B 93 -23.37 -39.33 17.11
C ALA B 93 -23.27 -38.34 15.93
N VAL B 94 -23.93 -38.65 14.82
CA VAL B 94 -24.02 -37.76 13.61
C VAL B 94 -25.49 -37.39 13.41
N VAL B 95 -25.81 -36.11 13.43
CA VAL B 95 -27.22 -35.61 13.36
C VAL B 95 -27.39 -34.78 12.08
N LYS B 96 -28.64 -34.57 11.67
CA LYS B 96 -29.02 -33.68 10.56
C LYS B 96 -29.96 -32.60 11.12
N ASP B 97 -29.51 -31.35 11.18
CA ASP B 97 -30.37 -30.17 11.42
C ASP B 97 -31.25 -29.98 10.18
N GLU B 98 -32.53 -30.34 10.26
CA GLU B 98 -33.45 -30.36 9.10
C GLU B 98 -33.76 -28.93 8.65
N THR B 99 -33.70 -27.95 9.57
CA THR B 99 -33.99 -26.52 9.28
C THR B 99 -32.93 -25.95 8.32
N THR B 100 -31.64 -26.22 8.58
CA THR B 100 -30.48 -25.65 7.85
C THR B 100 -29.99 -26.66 6.79
N GLY B 101 -29.95 -27.94 7.14
CA GLY B 101 -29.39 -29.02 6.31
C GLY B 101 -28.05 -29.48 6.81
N ALA B 102 -27.50 -28.80 7.83
CA ALA B 102 -26.18 -29.08 8.42
C ALA B 102 -26.12 -30.55 8.83
N VAL B 103 -25.03 -31.23 8.47
CA VAL B 103 -24.65 -32.57 9.01
C VAL B 103 -23.65 -32.28 10.14
N LEU B 104 -24.03 -32.58 11.39
CA LEU B 104 -23.29 -32.15 12.61
C LEU B 104 -22.79 -33.38 13.37
N PHE B 105 -21.48 -33.45 13.60
CA PHE B 105 -20.83 -34.38 14.55
C PHE B 105 -21.06 -33.87 15.98
N THR B 106 -21.49 -34.77 16.88
CA THR B 106 -21.67 -34.51 18.34
C THR B 106 -20.53 -35.20 19.09
N GLU B 107 -20.53 -35.08 20.42
CA GLU B 107 -19.45 -35.57 21.32
C GLU B 107 -19.44 -37.10 21.35
N LEU B 108 -20.49 -37.74 20.82
CA LEU B 108 -20.73 -39.20 20.86
C LEU B 108 -19.99 -39.92 19.73
N THR B 109 -19.32 -39.17 18.83
CA THR B 109 -18.46 -39.74 17.75
C THR B 109 -17.20 -40.39 18.36
N ALA B 110 -16.92 -40.10 19.64
CA ALA B 110 -15.86 -40.76 20.43
C ALA B 110 -16.16 -42.26 20.55
N LYS B 111 -17.45 -42.60 20.66
CA LYS B 111 -17.92 -44.01 20.87
C LYS B 111 -17.86 -44.78 19.55
N VAL B 112 -18.23 -44.15 18.42
CA VAL B 112 -18.34 -44.81 17.08
C VAL B 112 -16.93 -45.08 16.53
N ASP B 113 -16.84 -45.90 15.48
CA ASP B 113 -15.57 -46.20 14.76
C ASP B 113 -15.24 -44.99 13.86
N GLY B 114 -14.03 -44.45 14.01
CA GLY B 114 -13.55 -43.24 13.31
C GLY B 114 -13.26 -43.51 11.85
N GLU B 115 -12.32 -44.43 11.58
CA GLU B 115 -11.84 -44.80 10.21
C GLU B 115 -13.03 -45.19 9.34
N SER B 116 -13.98 -45.97 9.91
CA SER B 116 -15.21 -46.45 9.25
C SER B 116 -15.98 -45.25 8.68
N VAL B 117 -16.29 -44.26 9.52
CA VAL B 117 -17.12 -43.07 9.17
C VAL B 117 -16.38 -42.25 8.10
N ARG B 118 -15.04 -42.24 8.13
CA ARG B 118 -14.21 -41.50 7.15
C ARG B 118 -14.27 -42.18 5.78
N SER B 119 -14.06 -43.51 5.74
CA SER B 119 -14.07 -44.34 4.50
C SER B 119 -15.44 -44.24 3.81
N ALA B 120 -16.52 -44.15 4.59
CA ALA B 120 -17.92 -44.03 4.10
C ALA B 120 -18.14 -42.67 3.43
N CYS B 121 -17.40 -41.64 3.84
CA CYS B 121 -17.48 -40.28 3.24
C CYS B 121 -16.82 -40.31 1.85
N PRO B 122 -17.59 -40.07 0.77
CA PRO B 122 -17.05 -40.10 -0.59
C PRO B 122 -16.16 -38.91 -0.93
N TYR B 123 -16.04 -37.94 -0.01
CA TYR B 123 -15.21 -36.72 -0.16
C TYR B 123 -14.00 -36.76 0.80
N ASP B 124 -13.89 -37.82 1.61
CA ASP B 124 -12.75 -38.09 2.52
C ASP B 124 -12.58 -36.91 3.49
N ILE B 125 -13.69 -36.39 4.02
CA ILE B 125 -13.77 -35.16 4.86
C ILE B 125 -13.48 -35.49 6.33
N PRO B 126 -14.21 -36.42 6.99
CA PRO B 126 -14.04 -36.63 8.43
C PRO B 126 -12.59 -36.76 8.87
N ARG B 127 -12.22 -36.10 9.99
CA ARG B 127 -10.86 -36.17 10.60
C ARG B 127 -10.97 -36.52 12.09
N ILE B 128 -10.10 -37.41 12.57
CA ILE B 128 -10.14 -38.01 13.94
C ILE B 128 -8.99 -37.45 14.77
N ASP B 129 -9.30 -36.89 15.94
CA ASP B 129 -8.31 -36.48 16.97
C ASP B 129 -7.58 -37.72 17.47
N PRO B 130 -6.25 -37.85 17.21
CA PRO B 130 -5.48 -39.03 17.60
C PRO B 130 -5.67 -39.49 19.06
N VAL B 131 -5.86 -38.57 20.01
CA VAL B 131 -5.90 -38.89 21.47
C VAL B 131 -7.37 -39.09 21.91
N THR B 132 -8.27 -38.14 21.66
CA THR B 132 -9.68 -38.21 22.16
C THR B 132 -10.55 -39.09 21.24
N LYS B 133 -10.16 -39.30 19.98
CA LYS B 133 -10.86 -40.17 18.99
C LYS B 133 -12.23 -39.60 18.61
N ARG B 134 -12.50 -38.33 18.94
CA ARG B 134 -13.68 -37.61 18.41
C ARG B 134 -13.40 -37.29 16.94
N LEU B 135 -14.46 -37.06 16.15
CA LEU B 135 -14.38 -36.65 14.74
C LEU B 135 -14.74 -35.17 14.63
N SER B 136 -14.01 -34.40 13.81
CA SER B 136 -14.30 -32.99 13.50
C SER B 136 -14.31 -32.76 11.99
N LYS B 137 -15.01 -31.71 11.60
CA LYS B 137 -15.16 -31.25 10.20
C LYS B 137 -15.95 -29.94 10.24
N CYS B 138 -16.00 -29.24 9.12
CA CYS B 138 -16.87 -28.07 8.91
C CYS B 138 -18.27 -28.41 9.44
N ASP B 139 -18.82 -27.54 10.31
CA ASP B 139 -20.15 -27.71 10.94
C ASP B 139 -21.12 -26.71 10.31
N MET B 140 -20.75 -26.16 9.16
CA MET B 140 -21.58 -25.18 8.40
C MET B 140 -21.70 -23.86 9.17
N CYS B 141 -20.88 -23.63 10.20
CA CYS B 141 -21.09 -22.53 11.17
C CYS B 141 -22.58 -22.51 11.55
N ASN B 142 -23.11 -23.65 11.99
CA ASN B 142 -24.58 -23.88 12.08
C ASN B 142 -25.20 -22.84 13.02
N ASP B 143 -24.57 -22.55 14.16
CA ASP B 143 -25.10 -21.59 15.17
C ASP B 143 -25.18 -20.19 14.56
N ARG B 144 -24.19 -19.76 13.76
CA ARG B 144 -24.21 -18.45 13.07
C ARG B 144 -25.42 -18.39 12.13
N VAL B 145 -25.63 -19.45 11.34
CA VAL B 145 -26.75 -19.58 10.35
C VAL B 145 -28.08 -19.54 11.11
N GLN B 146 -28.16 -20.28 12.23
CA GLN B 146 -29.34 -20.33 13.15
C GLN B 146 -29.68 -18.91 13.65
N ASN B 147 -28.66 -18.05 13.80
CA ASN B 147 -28.81 -16.66 14.34
C ASN B 147 -28.85 -15.63 13.19
N GLY B 148 -29.01 -16.08 11.95
CA GLY B 148 -29.26 -15.22 10.78
C GLY B 148 -27.99 -14.58 10.23
N LEU B 149 -26.81 -15.12 10.58
CA LEU B 149 -25.48 -14.68 10.09
C LEU B 149 -24.99 -15.65 9.01
N LEU B 150 -24.22 -15.15 8.04
CA LEU B 150 -23.48 -15.99 7.06
C LEU B 150 -22.42 -16.77 7.84
N PRO B 151 -22.02 -17.99 7.39
CA PRO B 151 -20.86 -18.67 7.94
C PRO B 151 -19.60 -17.81 7.79
N ALA B 152 -18.61 -17.99 8.67
CA ALA B 152 -17.39 -17.16 8.74
C ALA B 152 -16.72 -17.11 7.35
N CYS B 153 -16.40 -18.27 6.78
CA CYS B 153 -15.69 -18.40 5.47
C CYS B 153 -16.46 -17.66 4.37
N VAL B 154 -17.79 -17.59 4.46
CA VAL B 154 -18.64 -16.94 3.40
C VAL B 154 -18.54 -15.42 3.53
N LYS B 155 -18.73 -14.90 4.73
CA LYS B 155 -18.74 -13.43 4.98
C LYS B 155 -17.36 -12.84 4.68
N THR B 156 -16.28 -13.56 5.02
CA THR B 156 -14.89 -13.09 4.89
C THR B 156 -14.46 -12.98 3.42
N CYS B 157 -15.02 -13.81 2.53
CA CYS B 157 -14.55 -13.97 1.11
C CYS B 157 -14.80 -12.68 0.34
N PRO B 158 -13.72 -12.03 -0.15
CA PRO B 158 -13.85 -10.80 -0.92
C PRO B 158 -14.30 -10.94 -2.38
N THR B 159 -14.06 -12.08 -3.02
CA THR B 159 -14.07 -12.20 -4.51
C THR B 159 -15.50 -12.45 -5.03
N GLY B 160 -16.38 -12.97 -4.16
CA GLY B 160 -17.70 -13.50 -4.55
C GLY B 160 -17.65 -14.98 -4.88
N THR B 161 -16.53 -15.66 -4.58
CA THR B 161 -16.41 -17.15 -4.62
C THR B 161 -17.45 -17.75 -3.65
N MET B 162 -17.42 -17.34 -2.39
CA MET B 162 -18.32 -17.92 -1.35
C MET B 162 -19.69 -17.25 -1.44
N ASN B 163 -20.74 -18.06 -1.57
CA ASN B 163 -22.17 -17.63 -1.50
C ASN B 163 -22.92 -18.62 -0.61
N PHE B 164 -23.94 -18.14 0.10
CA PHE B 164 -24.76 -18.94 1.05
C PHE B 164 -26.19 -18.41 1.07
N GLY B 165 -27.16 -19.30 1.33
CA GLY B 165 -28.59 -18.97 1.40
C GLY B 165 -29.49 -20.20 1.27
N ASP B 166 -30.74 -19.98 0.89
CA ASP B 166 -31.75 -21.04 0.68
C ASP B 166 -31.40 -21.81 -0.60
N GLU B 167 -31.41 -23.14 -0.52
CA GLU B 167 -30.97 -24.05 -1.62
C GLU B 167 -31.68 -23.72 -2.94
N GLN B 168 -32.90 -23.16 -2.92
CA GLN B 168 -33.60 -22.82 -4.17
C GLN B 168 -32.86 -21.67 -4.88
N GLU B 169 -32.58 -20.56 -4.17
CA GLU B 169 -31.91 -19.35 -4.71
C GLU B 169 -30.47 -19.67 -5.14
N MET B 170 -29.79 -20.53 -4.38
CA MET B 170 -28.36 -20.90 -4.56
C MET B 170 -28.21 -21.86 -5.76
N LEU B 171 -29.17 -22.79 -5.95
CA LEU B 171 -29.19 -23.68 -7.13
C LEU B 171 -29.40 -22.81 -8.38
N ALA B 172 -30.35 -21.87 -8.32
CA ALA B 172 -30.66 -20.89 -9.38
C ALA B 172 -29.41 -20.05 -9.70
N LEU B 173 -28.65 -19.65 -8.67
CA LEU B 173 -27.41 -18.87 -8.84
C LEU B 173 -26.34 -19.75 -9.50
N ALA B 174 -26.12 -20.95 -8.96
CA ALA B 174 -25.16 -21.94 -9.52
C ALA B 174 -25.45 -22.11 -11.02
N GLU B 175 -26.70 -22.43 -11.38
CA GLU B 175 -27.13 -22.59 -12.79
C GLU B 175 -26.70 -21.34 -13.57
N LYS B 176 -27.18 -20.17 -13.17
CA LYS B 176 -27.00 -18.91 -13.94
C LYS B 176 -25.50 -18.61 -14.07
N ARG B 177 -24.73 -18.77 -13.00
CA ARG B 177 -23.28 -18.47 -12.96
C ARG B 177 -22.54 -19.47 -13.87
N LEU B 178 -22.90 -20.76 -13.82
CA LEU B 178 -22.27 -21.81 -14.66
C LEU B 178 -22.34 -21.41 -16.14
N ALA B 179 -23.50 -20.94 -16.60
CA ALA B 179 -23.71 -20.56 -18.02
C ALA B 179 -22.79 -19.39 -18.38
N GLU B 180 -22.64 -18.43 -17.48
CA GLU B 180 -21.80 -17.22 -17.70
C GLU B 180 -20.31 -17.63 -17.71
N VAL B 181 -19.88 -18.42 -16.72
CA VAL B 181 -18.45 -18.80 -16.50
C VAL B 181 -17.98 -19.72 -17.63
N LYS B 182 -18.89 -20.50 -18.25
CA LYS B 182 -18.55 -21.41 -19.38
C LYS B 182 -17.96 -20.61 -20.54
N LYS B 183 -18.38 -19.34 -20.70
CA LYS B 183 -17.96 -18.44 -21.81
C LYS B 183 -16.44 -18.31 -21.82
N THR B 184 -15.79 -18.24 -20.65
CA THR B 184 -14.32 -18.05 -20.47
C THR B 184 -13.64 -19.37 -20.11
N TYR B 185 -14.33 -20.25 -19.38
CA TYR B 185 -13.86 -21.61 -18.97
C TYR B 185 -14.86 -22.65 -19.48
N PRO B 186 -14.73 -23.13 -20.74
CA PRO B 186 -15.74 -24.00 -21.35
C PRO B 186 -15.97 -25.34 -20.62
N GLY B 187 -14.97 -25.82 -19.88
CA GLY B 187 -15.02 -27.10 -19.14
C GLY B 187 -15.58 -26.95 -17.74
N ALA B 188 -16.23 -25.83 -17.44
CA ALA B 188 -16.80 -25.50 -16.12
C ALA B 188 -17.97 -26.45 -15.80
N VAL B 189 -18.00 -27.00 -14.58
CA VAL B 189 -19.05 -27.95 -14.11
C VAL B 189 -19.33 -27.71 -12.62
N LEU B 190 -20.58 -27.91 -12.20
CA LEU B 190 -20.96 -27.96 -10.76
C LEU B 190 -20.57 -29.35 -10.23
N GLY B 191 -20.15 -29.43 -8.97
CA GLY B 191 -19.78 -30.68 -8.29
C GLY B 191 -20.96 -31.30 -7.59
N ASP B 192 -21.49 -32.39 -8.16
CA ASP B 192 -22.54 -33.26 -7.55
C ASP B 192 -23.67 -32.38 -7.02
N PRO B 193 -24.28 -31.52 -7.88
CA PRO B 193 -25.20 -30.48 -7.41
C PRO B 193 -26.55 -30.95 -6.85
N ASN B 194 -26.83 -32.26 -6.88
CA ASN B 194 -28.11 -32.84 -6.40
C ASN B 194 -27.90 -33.57 -5.07
N ASP B 195 -26.64 -33.84 -4.70
CA ASP B 195 -26.28 -34.71 -3.56
C ASP B 195 -25.73 -33.89 -2.38
N VAL B 196 -25.25 -32.66 -2.62
CA VAL B 196 -24.42 -31.89 -1.66
C VAL B 196 -25.06 -30.54 -1.37
N ARG B 197 -24.74 -29.96 -0.20
CA ARG B 197 -25.14 -28.57 0.17
C ARG B 197 -23.94 -27.61 0.00
N VAL B 198 -22.76 -28.11 -0.36
CA VAL B 198 -21.60 -27.27 -0.78
C VAL B 198 -21.35 -27.53 -2.27
N VAL B 199 -21.93 -26.68 -3.13
CA VAL B 199 -21.89 -26.85 -4.61
C VAL B 199 -20.75 -26.00 -5.18
N TYR B 200 -19.61 -26.63 -5.45
CA TYR B 200 -18.44 -26.02 -6.11
C TYR B 200 -18.70 -25.92 -7.62
N LEU B 201 -18.44 -24.75 -8.20
CA LEU B 201 -18.22 -24.57 -9.66
C LEU B 201 -16.71 -24.69 -9.90
N PHE B 202 -16.29 -25.80 -10.51
CA PHE B 202 -14.90 -26.00 -11.01
C PHE B 202 -14.82 -25.44 -12.42
N THR B 203 -13.70 -24.80 -12.77
CA THR B 203 -13.42 -24.20 -14.09
C THR B 203 -12.98 -25.29 -15.09
N ARG B 204 -12.68 -26.49 -14.58
CA ARG B 204 -12.33 -27.68 -15.40
C ARG B 204 -12.61 -28.95 -14.59
N ASP B 205 -12.17 -30.11 -15.10
CA ASP B 205 -12.32 -31.45 -14.47
C ASP B 205 -12.01 -31.35 -12.98
N PRO B 206 -13.01 -31.55 -12.10
CA PRO B 206 -12.83 -31.36 -10.64
C PRO B 206 -11.64 -32.12 -10.05
N LYS B 207 -11.35 -33.31 -10.59
CA LYS B 207 -10.22 -34.19 -10.16
C LYS B 207 -8.89 -33.46 -10.36
N ASP B 208 -8.84 -32.49 -11.29
CA ASP B 208 -7.64 -31.64 -11.49
C ASP B 208 -7.40 -30.79 -10.23
N PHE B 209 -8.47 -30.41 -9.52
CA PHE B 209 -8.44 -29.57 -8.30
C PHE B 209 -8.05 -30.39 -7.08
N TYR B 210 -8.62 -31.59 -6.96
CA TYR B 210 -8.35 -32.53 -5.85
C TYR B 210 -8.94 -33.90 -6.19
N GLU B 211 -8.25 -34.96 -5.80
CA GLU B 211 -8.67 -36.36 -6.05
C GLU B 211 -10.14 -36.56 -5.63
N HIS B 212 -10.54 -36.01 -4.47
CA HIS B 212 -11.88 -36.17 -3.86
C HIS B 212 -12.74 -34.91 -4.00
N ALA B 213 -12.53 -34.11 -5.06
CA ALA B 213 -13.29 -32.86 -5.32
C ALA B 213 -14.76 -33.21 -5.58
N VAL B 214 -14.98 -34.34 -6.22
CA VAL B 214 -16.34 -34.93 -6.45
C VAL B 214 -16.28 -36.41 -6.08
N ALA B 215 -17.42 -36.98 -5.71
CA ALA B 215 -17.57 -38.42 -5.36
C ALA B 215 -17.16 -39.27 -6.57
PB MGD C . 5.14 -7.04 -4.50
O1B MGD C . 4.61 -8.37 -4.09
O2B MGD C . 6.43 -6.61 -3.91
O3B MGD C . 4.05 -5.93 -4.07
O3A MGD C . 2.48 -4.18 -3.44
PA MGD C . 3.07 -4.84 -4.75
O1A MGD C . 1.92 -5.53 -5.40
O2A MGD C . 3.90 -3.87 -5.52
O5' MGD C . 5.33 -6.98 -6.11
C5' MGD C . 4.38 -6.60 -7.12
C4' MGD C . 4.65 -7.36 -8.40
O4' MGD C . 5.68 -6.68 -9.16
C3' MGD C . 5.12 -8.82 -8.31
O3' MGD C . 4.10 -9.64 -8.86
C2' MGD C . 6.42 -8.86 -9.13
O2' MGD C . 6.60 -10.01 -9.93
C1' MGD C . 6.23 -7.65 -10.03
N9 MGD C . 7.43 -7.09 -10.63
C8 MGD C . 8.73 -7.16 -10.16
N7 MGD C . 9.58 -6.51 -10.92
C5 MGD C . 8.80 -6.00 -11.95
C6 MGD C . 9.16 -5.21 -13.07
O6 MGD C . 10.28 -4.79 -13.38
N1 MGD C . 8.04 -4.89 -13.84
C2 MGD C . 6.76 -5.30 -13.60
N2 MGD C . 5.81 -4.89 -14.47
N3 MGD C . 6.41 -6.03 -12.55
C4 MGD C . 7.48 -6.34 -11.77
C10 MGD C . 3.27 -3.30 -2.61
C11 MGD C . 2.40 -2.85 -1.44
O11 MGD C . 1.77 -4.01 -0.92
C12 MGD C . 3.21 -2.11 -0.41
S12 MGD C . 4.16 -0.80 -1.11
C13 MGD C . 3.13 -2.42 0.93
S13 MGD C . 4.09 -1.69 2.20
C14 MGD C . 2.12 -3.43 1.42
N15 MGD C . 2.73 -4.68 1.86
C16 MGD C . 2.04 -5.88 1.80
C17 MGD C . 2.57 -7.04 2.36
O17 MGD C . 3.68 -7.10 2.91
N18 MGD C . 1.80 -8.19 2.26
C19 MGD C . 0.56 -8.19 1.66
N19 MGD C . -0.11 -9.35 1.60
N20 MGD C . 0.03 -7.08 1.14
C21 MGD C . 0.77 -5.93 1.21
N22 MGD C . 0.24 -4.81 0.68
C23 MGD C . 1.09 -3.71 0.29
PB MGD D . 7.56 -3.59 9.31
O1B MGD D . 7.61 -5.07 9.13
O2B MGD D . 8.17 -2.99 10.53
O3B MGD D . 8.25 -2.94 8.03
O3A MGD D . 9.52 -1.65 6.36
PA MGD D . 9.00 -1.52 7.88
O1A MGD D . 7.99 -0.44 8.02
O2A MGD D . 10.17 -1.50 8.80
O5' MGD D . 6.03 -3.10 9.16
C5' MGD D . 5.41 -1.94 9.79
C4' MGD D . 5.55 -1.97 11.29
O4' MGD D . 4.47 -1.24 11.92
C3' MGD D . 5.53 -3.35 11.98
O3' MGD D . 6.74 -3.52 12.72
C2' MGD D . 4.35 -3.26 12.95
O2' MGD D . 4.52 -4.00 14.14
C1' MGD D . 4.34 -1.77 13.21
N9 MGD D . 3.12 -1.26 13.83
C8 MGD D . 1.84 -1.73 13.68
N7 MGD D . 0.96 -1.04 14.37
C5 MGD D . 1.71 -0.07 15.03
C6 MGD D . 1.30 0.96 15.92
O6 MGD D . 0.16 1.24 16.31
N1 MGD D . 2.39 1.73 16.33
C2 MGD D . 3.70 1.52 15.97
N2 MGD D . 4.60 2.35 16.49
N3 MGD D . 4.09 0.54 15.14
C4 MGD D . 3.04 -0.20 14.70
C10 MGD D . 8.56 -1.47 5.27
C11 MGD D . 9.28 -1.16 3.97
O11 MGD D . 10.07 -2.31 3.64
C12 MGD D . 8.33 -0.83 2.85
S12 MGD D . 6.88 0.10 3.22
C13 MGD D . 8.58 -1.24 1.58
S13 MGD D . 7.52 -0.99 0.21
C14 MGD D . 9.84 -1.99 1.22
N15 MGD D . 9.49 -3.28 0.70
C16 MGD D . 10.50 -4.15 0.41
C17 MGD D . 10.42 -5.05 -0.65
O17 MGD D . 9.46 -5.15 -1.41
N18 MGD D . 11.50 -5.88 -0.81
C19 MGD D . 12.61 -5.82 -0.01
N19 MGD D . 13.62 -6.66 -0.26
N20 MGD D . 12.68 -4.96 1.00
C21 MGD D . 11.64 -4.12 1.21
N22 MGD D . 11.72 -3.23 2.23
C23 MGD D . 10.80 -2.12 2.43
FE1 SF4 E . -5.89 -4.94 3.15
FE2 SF4 E . -8.57 -5.42 3.70
FE3 SF4 E . -6.80 -5.51 5.66
FE4 SF4 E . -6.79 -7.48 3.75
S1 SF4 E . -8.45 -7.05 5.25
S2 SF4 E . -4.95 -6.39 4.60
S3 SF4 E . -7.37 -6.23 1.93
S4 SF4 E . -7.26 -3.69 4.46
S H2S F . 4.01 1.64 2.45
W W G . 5.28 0.15 1.07
C1 GOL H . -0.42 14.92 -2.44
O1 GOL H . -0.39 13.79 -3.31
C2 GOL H . -0.44 16.22 -3.19
O2 GOL H . 0.84 16.41 -3.79
C3 GOL H . -0.79 17.42 -2.34
O3 GOL H . -1.50 18.42 -3.07
C1 PEG I . -5.20 19.40 -2.66
O1 PEG I . -3.93 18.85 -2.96
C2 PEG I . -5.56 20.52 -3.59
O2 PEG I . -6.95 20.87 -3.48
C3 PEG I . -7.33 21.92 -4.40
C4 PEG I . -8.23 22.90 -3.73
O4 PEG I . -8.89 23.78 -4.63
C1 GOL J . 3.94 -15.04 -4.32
O1 GOL J . 3.64 -13.67 -4.57
C2 GOL J . 3.16 -15.95 -5.24
O2 GOL J . 4.06 -16.72 -6.02
C3 GOL J . 2.18 -16.87 -4.52
O3 GOL J . 1.90 -16.46 -3.18
C1 GOL K . -12.72 -13.60 9.59
O1 GOL K . -12.10 -13.44 10.86
C2 GOL K . -13.26 -12.29 9.02
O2 GOL K . -12.49 -11.94 7.89
C3 GOL K . -14.74 -12.37 8.63
O3 GOL K . -15.29 -11.12 8.23
C1 EDO L . -2.52 0.69 11.18
O1 EDO L . -3.87 1.15 11.12
C2 EDO L . -2.05 0.22 12.52
O2 EDO L . -0.85 -0.54 12.46
C1 GOL M . 13.58 9.94 -32.84
O1 GOL M . 12.60 9.70 -31.83
C2 GOL M . 12.99 9.84 -34.24
O2 GOL M . 12.99 8.48 -34.67
C3 GOL M . 13.72 10.70 -35.26
O3 GOL M . 13.19 12.03 -35.30
FE1 SF4 N . -12.80 -16.51 -1.04
FE2 SF4 N . -11.39 -18.33 0.35
FE3 SF4 N . -10.11 -16.10 -0.64
FE4 SF4 N . -10.89 -18.06 -2.36
S1 SF4 N . -9.32 -18.23 -0.74
S2 SF4 N . -11.17 -15.81 -2.59
S3 SF4 N . -12.84 -18.75 -1.29
S4 SF4 N . -11.81 -16.21 0.95
FE1 SF4 O . -21.01 -35.77 3.33
FE2 SF4 O . -20.60 -36.61 5.91
FE3 SF4 O . -19.61 -34.17 5.12
FE4 SF4 O . -18.52 -36.45 4.10
S1 SF4 O . -18.49 -35.74 6.28
S2 SF4 O . -19.07 -34.60 2.93
S3 SF4 O . -20.34 -37.82 3.98
S4 SF4 O . -21.83 -34.83 5.26
FE1 SF4 P . -17.38 -24.61 7.69
FE2 SF4 P . -17.91 -22.44 9.23
FE3 SF4 P . -16.74 -22.15 6.70
FE4 SF4 P . -15.30 -23.14 8.74
S1 SF4 P . -16.16 -21.05 8.63
S2 SF4 P . -15.41 -23.95 6.63
S3 SF4 P . -16.92 -24.33 9.90
S4 SF4 P . -18.85 -22.98 7.21
#